data_7Z5P
#
_entry.id   7Z5P
#
_cell.length_a   198.960
_cell.length_b   63.510
_cell.length_c   115.960
_cell.angle_alpha   90.000
_cell.angle_beta   124.570
_cell.angle_gamma   90.000
#
_symmetry.space_group_name_H-M   'C 1 2 1'
#
loop_
_entity.id
_entity.type
_entity.pdbx_description
1 polymer 'Copper oxidase'
2 non-polymer 'COPPER (II) ION'
#
_entity_poly.entity_id   1
_entity_poly.type   'polypeptide(L)'
_entity_poly.pdbx_seq_one_letter_code
;MNLEKFVDELPIPEVAEPVKKNPRQTYYEIAMEEVFLKVHRDLPPTKLWTYNGSLPGPTIHANRNEKVKVKWMNKLPLKH
FLPVDHTIHEGHHDEPEVKTVVHLHGGVTPASSDGYPEAWFSRDFEATGPFFEREVYEYPNHQQACTLWYHDHAMALTRL
NVYAGLAGFYLISDAFEKSLELPKDEYDIPLMIMDRTFQEDGALFYPSRPNNTPEDSDLPDPSIVPFFCGETILVNGKVW
PYLEVEPRKYRFRILNASNTRTYELHLDNDATILQIGSDGGFLPRPVHHQSFTIAPAERFDVIIDFSAYENKTITLKNKA
GCGQEVNPETDANIMQFKVTRPLKGRAPKTLRPIFKPLPPLRPSRADQERTLTLTGTQDKYGRPILLLDNHFWNDPVTEN
PRLGSVEVWSIVNPTRGTHPIHLHLVQFRVIDRRPFDTEVYQSTGDIVYTGPNEAPPLHEQGYKDTIQAHAGEVIRIIAR
FVPYSGRYVWHCHILEHEDYDMMRPMDIIHHHHHH
;
_entity_poly.pdbx_strand_id   A,B
#
loop_
_chem_comp.id
_chem_comp.type
_chem_comp.name
_chem_comp.formula
CU non-polymer 'COPPER (II) ION' 'Cu 2'
#
# COMPACT_ATOMS: atom_id res chain seq x y z
N ASN A 2 15.38 -6.86 23.67
CA ASN A 2 14.76 -7.77 22.68
C ASN A 2 15.13 -7.24 21.30
N LEU A 3 14.25 -6.43 20.68
CA LEU A 3 14.48 -5.88 19.31
C LEU A 3 15.80 -5.09 19.25
N GLU A 4 16.53 -5.22 18.15
CA GLU A 4 17.80 -4.51 17.98
C GLU A 4 17.34 -3.14 17.49
N LYS A 5 17.81 -2.09 18.16
CA LYS A 5 17.39 -0.72 17.91
C LYS A 5 18.16 -0.08 16.76
N PHE A 6 17.50 0.86 16.08
CA PHE A 6 18.12 1.79 15.12
C PHE A 6 18.68 1.09 13.88
N VAL A 7 17.90 0.16 13.33
CA VAL A 7 18.26 -0.64 12.17
C VAL A 7 17.37 -0.36 10.96
N ASP A 8 16.14 0.09 11.22
CA ASP A 8 15.16 0.41 10.18
C ASP A 8 15.08 1.91 9.91
N GLU A 9 15.02 2.30 8.63
CA GLU A 9 15.06 3.76 8.29
C GLU A 9 13.77 4.45 8.77
N LEU A 10 13.83 5.67 9.28
CA LEU A 10 12.53 6.29 9.61
C LEU A 10 11.83 6.55 8.28
N PRO A 11 10.59 6.11 8.02
CA PRO A 11 9.93 6.40 6.77
C PRO A 11 9.22 7.76 6.85
N ILE A 12 9.06 8.42 5.71
CA ILE A 12 8.32 9.65 5.57
C ILE A 12 6.95 9.29 4.97
N PRO A 13 5.84 9.48 5.71
CA PRO A 13 4.53 9.08 5.22
C PRO A 13 4.14 9.82 3.94
N GLU A 14 3.65 9.07 2.94
CA GLU A 14 3.29 9.60 1.63
C GLU A 14 2.19 10.66 1.73
N VAL A 15 2.35 11.75 0.97
CA VAL A 15 1.32 12.78 0.87
C VAL A 15 0.14 12.19 0.09
N ALA A 16 -1.07 12.44 0.60
CA ALA A 16 -2.30 11.95 -0.03
C ALA A 16 -2.53 12.65 -1.36
N GLU A 17 -2.88 11.86 -2.37
CA GLU A 17 -3.19 12.37 -3.70
C GLU A 17 -4.69 12.58 -3.82
N PRO A 18 -5.17 13.81 -4.14
CA PRO A 18 -6.60 14.02 -4.38
C PRO A 18 -7.19 13.25 -5.57
N VAL A 19 -8.33 12.58 -5.36
CA VAL A 19 -9.01 11.85 -6.47
C VAL A 19 -9.23 12.88 -7.58
N LYS A 20 -9.96 13.95 -7.24
CA LYS A 20 -10.14 15.09 -8.14
C LYS A 20 -9.87 16.39 -7.39
N LYS A 21 -9.51 17.44 -8.15
CA LYS A 21 -9.21 18.75 -7.58
C LYS A 21 -9.49 19.88 -8.58
N ASN A 22 -10.02 20.99 -8.05
CA ASN A 22 -10.25 22.22 -8.80
C ASN A 22 -10.26 23.41 -7.83
N PRO A 23 -10.40 24.66 -8.31
CA PRO A 23 -10.42 25.82 -7.41
C PRO A 23 -11.50 25.76 -6.31
N ARG A 24 -12.68 25.22 -6.64
CA ARG A 24 -13.89 25.21 -5.76
C ARG A 24 -13.71 24.15 -4.65
N GLN A 25 -13.09 23.01 -4.96
CA GLN A 25 -12.87 21.95 -3.97
C GLN A 25 -11.79 20.93 -4.35
N THR A 26 -11.35 20.17 -3.34
CA THR A 26 -10.37 19.09 -3.49
C THR A 26 -10.91 17.83 -2.82
N TYR A 27 -11.18 16.80 -3.63
CA TYR A 27 -11.88 15.54 -3.23
C TYR A 27 -10.86 14.40 -3.10
N TYR A 28 -10.91 13.70 -1.95
CA TYR A 28 -10.10 12.50 -1.62
C TYR A 28 -11.03 11.31 -1.36
N GLU A 29 -10.55 10.09 -1.64
CA GLU A 29 -11.22 8.84 -1.31
C GLU A 29 -10.24 7.98 -0.55
N ILE A 30 -10.41 7.91 0.77
CA ILE A 30 -9.51 7.14 1.63
C ILE A 30 -10.26 5.95 2.21
N ALA A 31 -9.75 4.75 1.90
CA ALA A 31 -10.35 3.50 2.34
C ALA A 31 -9.53 2.91 3.47
N MET A 32 -10.23 2.36 4.47
CA MET A 32 -9.63 1.65 5.58
C MET A 32 -9.55 0.19 5.17
N GLU A 33 -8.34 -0.39 5.26
CA GLU A 33 -8.06 -1.77 4.84
C GLU A 33 -7.17 -2.49 5.84
N GLU A 34 -7.29 -3.82 5.88
CA GLU A 34 -6.39 -4.68 6.63
C GLU A 34 -5.26 -5.09 5.69
N VAL A 35 -4.01 -4.86 6.14
CA VAL A 35 -2.83 -5.23 5.38
C VAL A 35 -1.74 -5.75 6.31
N PHE A 36 -0.69 -6.33 5.72
CA PHE A 36 0.45 -6.87 6.44
C PHE A 36 1.68 -6.04 6.13
N LEU A 37 2.25 -5.37 7.14
CA LEU A 37 3.41 -4.45 6.92
C LEU A 37 4.75 -5.05 7.38
N LYS A 38 5.81 -4.23 7.37
CA LYS A 38 7.20 -4.61 7.74
C LYS A 38 7.40 -4.42 9.24
N VAL A 39 7.34 -3.16 9.73
CA VAL A 39 7.43 -2.84 11.16
C VAL A 39 8.87 -2.84 11.71
N HIS A 40 9.58 -3.97 11.53
CA HIS A 40 10.98 -4.12 11.93
C HIS A 40 11.56 -5.36 11.26
N ARG A 41 12.76 -5.22 10.67
CA ARG A 41 13.40 -6.25 9.80
C ARG A 41 13.37 -7.62 10.48
N ASP A 42 13.58 -7.66 11.81
CA ASP A 42 13.71 -8.91 12.57
C ASP A 42 12.41 -9.46 13.17
N LEU A 43 11.27 -8.94 12.70
CA LEU A 43 9.96 -9.54 12.97
C LEU A 43 9.24 -9.70 11.64
N PRO A 44 8.43 -10.77 11.47
CA PRO A 44 7.71 -11.00 10.20
C PRO A 44 6.59 -9.98 10.02
N PRO A 45 5.96 -9.91 8.81
CA PRO A 45 4.91 -8.93 8.54
C PRO A 45 3.78 -8.96 9.58
N THR A 46 3.40 -7.79 10.09
CA THR A 46 2.38 -7.65 11.12
C THR A 46 1.06 -7.26 10.49
N LYS A 47 -0.02 -7.91 10.93
CA LYS A 47 -1.37 -7.60 10.50
C LYS A 47 -1.82 -6.33 11.16
N LEU A 48 -2.19 -5.33 10.34
CA LEU A 48 -2.61 -4.02 10.80
C LEU A 48 -3.84 -3.57 10.03
N TRP A 49 -4.63 -2.72 10.67
CA TRP A 49 -5.71 -1.99 10.02
C TRP A 49 -5.19 -0.59 9.79
N THR A 50 -5.28 -0.13 8.54
CA THR A 50 -4.70 1.16 8.17
C THR A 50 -5.52 1.88 7.12
N TYR A 51 -5.24 3.19 6.97
CA TYR A 51 -5.78 4.07 5.90
C TYR A 51 -4.91 3.91 4.65
N ASN A 52 -5.57 3.69 3.50
CA ASN A 52 -4.93 3.41 2.21
C ASN A 52 -3.65 2.57 2.31
N GLY A 53 -3.69 1.53 3.14
CA GLY A 53 -2.62 0.54 3.27
C GLY A 53 -1.30 1.04 3.83
N SER A 54 -1.32 2.14 4.60
CA SER A 54 -0.11 2.72 5.18
C SER A 54 -0.21 3.09 6.66
N LEU A 55 0.88 2.87 7.39
CA LEU A 55 1.01 3.23 8.81
C LEU A 55 2.22 4.15 9.04
N PRO A 56 2.01 5.45 9.34
CA PRO A 56 0.69 6.07 9.43
C PRO A 56 0.00 6.25 8.07
N GLY A 57 -1.23 6.74 8.12
CA GLY A 57 -2.02 6.97 6.90
C GLY A 57 -1.50 8.12 6.06
N PRO A 58 -1.97 8.22 4.81
CA PRO A 58 -1.53 9.25 3.89
C PRO A 58 -1.57 10.65 4.48
N THR A 59 -0.42 11.24 4.79
CA THR A 59 -0.38 12.62 5.31
C THR A 59 -1.15 13.50 4.35
N ILE A 60 -2.17 14.21 4.82
CA ILE A 60 -2.96 15.08 3.90
C ILE A 60 -2.50 16.53 4.03
N HIS A 61 -2.11 17.13 2.91
CA HIS A 61 -1.68 18.51 2.85
C HIS A 61 -2.85 19.40 2.43
N ALA A 62 -3.26 20.30 3.31
CA ALA A 62 -4.36 21.22 3.07
C ALA A 62 -3.91 22.66 3.32
N ASN A 63 -4.56 23.60 2.63
CA ASN A 63 -4.30 25.02 2.81
C ASN A 63 -5.49 25.69 3.48
N ARG A 64 -5.23 26.80 4.18
CA ARG A 64 -6.27 27.60 4.88
C ARG A 64 -7.39 27.92 3.89
N ASN A 65 -8.64 27.55 4.24
CA ASN A 65 -9.87 27.79 3.44
C ASN A 65 -9.89 26.95 2.14
N GLU A 66 -9.18 25.82 2.12
CA GLU A 66 -9.21 24.90 0.96
C GLU A 66 -10.35 23.93 1.21
N LYS A 67 -11.37 23.93 0.35
CA LYS A 67 -12.54 23.02 0.57
C LYS A 67 -12.09 21.55 0.51
N VAL A 68 -11.87 20.92 1.67
CA VAL A 68 -11.40 19.50 1.67
C VAL A 68 -12.59 18.53 1.80
N LYS A 69 -12.87 17.77 0.72
CA LYS A 69 -13.93 16.73 0.74
C LYS A 69 -13.29 15.33 0.76
N VAL A 70 -13.46 14.60 1.87
CA VAL A 70 -12.90 13.27 2.04
C VAL A 70 -13.99 12.23 2.20
N LYS A 71 -13.98 11.21 1.34
CA LYS A 71 -14.80 10.02 1.51
C LYS A 71 -14.01 8.96 2.26
N TRP A 72 -14.29 8.83 3.56
CA TRP A 72 -13.74 7.79 4.41
C TRP A 72 -14.57 6.53 4.23
N MET A 73 -13.95 5.47 3.69
CA MET A 73 -14.62 4.20 3.42
C MET A 73 -14.14 3.11 4.36
N ASN A 74 -15.06 2.19 4.71
CA ASN A 74 -14.77 1.03 5.53
C ASN A 74 -14.65 -0.20 4.66
N LYS A 75 -13.42 -0.70 4.49
CA LYS A 75 -13.16 -1.93 3.76
C LYS A 75 -12.42 -2.90 4.71
N LEU A 76 -12.95 -3.04 5.93
CA LEU A 76 -12.37 -3.89 6.96
C LEU A 76 -13.08 -5.24 7.02
N PRO A 77 -12.49 -6.26 7.67
CA PRO A 77 -13.21 -7.49 7.98
C PRO A 77 -14.38 -7.19 8.95
N LEU A 78 -15.37 -8.09 8.99
CA LEU A 78 -16.58 -7.88 9.76
C LEU A 78 -16.38 -8.21 11.24
N LYS A 79 -15.31 -8.98 11.53
CA LYS A 79 -14.87 -9.23 12.90
C LYS A 79 -13.50 -8.62 13.16
N HIS A 80 -13.25 -8.28 14.43
CA HIS A 80 -12.04 -7.59 14.86
C HIS A 80 -10.98 -8.61 15.28
N PHE A 81 -9.70 -8.26 15.09
CA PHE A 81 -8.59 -9.16 15.40
C PHE A 81 -7.96 -8.92 16.78
N LEU A 82 -8.34 -7.81 17.42
CA LEU A 82 -7.98 -7.50 18.81
C LEU A 82 -9.16 -7.85 19.73
N PRO A 83 -8.97 -7.95 21.07
CA PRO A 83 -9.90 -8.65 21.96
C PRO A 83 -11.39 -8.27 21.90
N VAL A 84 -11.73 -7.00 22.08
CA VAL A 84 -13.12 -6.50 22.11
C VAL A 84 -13.91 -6.99 23.33
N ASP A 85 -14.05 -6.11 24.34
CA ASP A 85 -14.83 -6.35 25.54
C ASP A 85 -16.23 -5.80 25.32
N HIS A 86 -17.22 -6.71 25.22
CA HIS A 86 -18.63 -6.38 24.97
C HIS A 86 -19.38 -5.78 26.18
N THR A 87 -18.72 -5.70 27.34
CA THR A 87 -19.37 -5.39 28.61
C THR A 87 -19.13 -3.95 29.04
N ILE A 88 -18.87 -3.07 28.05
CA ILE A 88 -18.57 -1.67 28.26
C ILE A 88 -19.75 -0.79 27.87
N HIS A 89 -20.21 -0.97 26.63
CA HIS A 89 -21.29 -0.20 26.04
C HIS A 89 -22.50 -1.10 25.84
N GLU A 90 -23.70 -0.55 26.03
CA GLU A 90 -24.96 -1.24 25.73
C GLU A 90 -25.11 -1.50 24.23
N GLY A 91 -25.72 -2.65 23.90
CA GLY A 91 -25.79 -3.16 22.53
C GLY A 91 -27.22 -3.05 22.03
N HIS A 92 -27.38 -2.25 20.96
CA HIS A 92 -28.66 -2.03 20.24
C HIS A 92 -28.89 -3.17 19.24
N HIS A 93 -30.08 -3.22 18.60
CA HIS A 93 -30.56 -4.29 17.71
C HIS A 93 -29.59 -5.42 17.37
N ASP A 94 -28.72 -5.22 16.39
CA ASP A 94 -27.73 -6.23 15.95
C ASP A 94 -26.46 -5.44 15.70
N GLU A 95 -26.07 -4.64 16.70
CA GLU A 95 -24.87 -3.77 16.63
C GLU A 95 -23.72 -4.59 16.04
N PRO A 96 -23.29 -4.28 14.81
CA PRO A 96 -22.24 -5.03 14.17
C PRO A 96 -20.90 -4.82 14.88
N GLU A 97 -20.10 -5.86 14.91
CA GLU A 97 -18.72 -5.79 15.41
C GLU A 97 -17.93 -5.18 14.26
N VAL A 98 -16.99 -4.28 14.60
CA VAL A 98 -16.27 -3.43 13.64
C VAL A 98 -17.11 -2.26 13.16
N LYS A 99 -17.04 -1.16 13.92
CA LYS A 99 -17.62 0.13 13.57
C LYS A 99 -16.45 1.06 13.32
N THR A 100 -16.58 1.95 12.33
CA THR A 100 -15.57 2.97 12.06
C THR A 100 -16.19 4.34 11.81
N VAL A 101 -15.47 5.38 12.27
CA VAL A 101 -15.77 6.77 11.96
C VAL A 101 -14.51 7.57 12.20
N VAL A 102 -14.16 8.43 11.22
CA VAL A 102 -12.91 9.18 11.24
C VAL A 102 -13.14 10.58 11.79
N HIS A 103 -12.35 10.93 12.82
CA HIS A 103 -12.34 12.27 13.39
C HIS A 103 -11.00 12.94 13.08
N LEU A 104 -11.07 14.19 12.61
CA LEU A 104 -9.91 15.04 12.40
C LEU A 104 -9.65 15.83 13.68
N HIS A 105 -8.79 15.27 14.54
CA HIS A 105 -8.43 15.86 15.82
C HIS A 105 -7.85 17.27 15.63
N GLY A 106 -8.49 18.25 16.27
CA GLY A 106 -8.10 19.65 16.20
C GLY A 106 -8.71 20.40 15.02
N GLY A 107 -9.63 19.75 14.29
CA GLY A 107 -10.24 20.31 13.10
C GLY A 107 -11.43 21.20 13.40
N VAL A 108 -11.47 22.36 12.75
CA VAL A 108 -12.61 23.28 12.80
C VAL A 108 -13.62 22.81 11.75
N THR A 109 -14.43 21.81 12.15
CA THR A 109 -15.35 21.11 11.26
C THR A 109 -16.80 21.23 11.75
N PRO A 110 -17.79 21.34 10.85
CA PRO A 110 -19.19 21.21 11.23
C PRO A 110 -19.45 19.80 11.81
N ALA A 111 -20.36 19.72 12.80
CA ALA A 111 -20.62 18.51 13.56
C ALA A 111 -20.75 17.30 12.64
N SER A 112 -21.56 17.46 11.58
CA SER A 112 -21.83 16.40 10.62
C SER A 112 -20.56 15.73 10.09
N SER A 113 -19.51 16.53 9.86
CA SER A 113 -18.23 16.04 9.33
C SER A 113 -17.12 15.91 10.40
N ASP A 114 -17.50 15.99 11.68
CA ASP A 114 -16.55 15.94 12.79
C ASP A 114 -16.20 14.51 13.22
N GLY A 115 -17.04 13.54 12.82
CA GLY A 115 -16.84 12.15 13.17
C GLY A 115 -17.28 11.87 14.60
N TYR A 116 -18.59 11.98 14.84
CA TYR A 116 -19.24 11.71 16.15
C TYR A 116 -19.11 10.22 16.46
N PRO A 117 -18.83 9.83 17.73
CA PRO A 117 -18.59 8.41 18.06
C PRO A 117 -19.74 7.48 17.66
N GLU A 118 -20.98 8.01 17.67
CA GLU A 118 -22.19 7.27 17.28
C GLU A 118 -22.64 7.56 15.85
N ALA A 119 -21.75 8.16 15.04
CA ALA A 119 -21.95 8.33 13.60
C ALA A 119 -21.11 7.31 12.84
N TRP A 120 -20.97 6.11 13.43
CA TRP A 120 -20.10 5.05 12.91
C TRP A 120 -20.74 4.33 11.73
N PHE A 121 -19.91 3.52 11.04
CA PHE A 121 -20.33 2.71 9.91
C PHE A 121 -19.51 1.43 9.76
N SER A 122 -20.19 0.35 9.38
CA SER A 122 -19.57 -0.93 9.06
C SER A 122 -19.18 -0.92 7.57
N ARG A 123 -18.58 -2.02 7.12
CA ARG A 123 -18.05 -2.20 5.74
C ARG A 123 -19.03 -1.60 4.72
N ASP A 124 -18.51 -0.75 3.81
CA ASP A 124 -19.28 -0.09 2.75
C ASP A 124 -20.66 0.43 3.21
N PHE A 125 -20.70 0.96 4.44
CA PHE A 125 -21.90 1.55 5.04
C PHE A 125 -23.11 0.62 5.01
N GLU A 126 -22.88 -0.69 5.18
CA GLU A 126 -23.98 -1.69 5.18
C GLU A 126 -24.87 -1.42 6.40
N ALA A 127 -24.26 -1.00 7.51
CA ALA A 127 -24.96 -0.69 8.75
C ALA A 127 -24.29 0.50 9.44
N THR A 128 -25.11 1.46 9.88
CA THR A 128 -24.68 2.74 10.42
C THR A 128 -25.12 2.96 11.86
N GLY A 129 -24.52 3.95 12.52
CA GLY A 129 -24.84 4.34 13.88
C GLY A 129 -25.97 5.36 13.94
N PRO A 130 -26.59 5.57 15.13
CA PRO A 130 -27.78 6.42 15.25
C PRO A 130 -27.58 7.85 14.72
N PHE A 131 -26.37 8.39 14.87
CA PHE A 131 -26.04 9.76 14.47
C PHE A 131 -25.30 9.85 13.13
N PHE A 132 -25.37 8.77 12.32
CA PHE A 132 -24.81 8.77 10.97
C PHE A 132 -25.65 9.69 10.08
N GLU A 133 -24.99 10.42 9.16
CA GLU A 133 -25.78 11.36 8.31
C GLU A 133 -25.23 11.49 6.89
N ARG A 134 -23.91 11.71 6.78
CA ARG A 134 -23.17 11.99 5.52
C ARG A 134 -22.20 10.87 5.18
N GLU A 135 -22.14 10.48 3.91
CA GLU A 135 -21.16 9.47 3.47
C GLU A 135 -19.84 10.21 3.19
N VAL A 136 -19.92 11.47 2.77
CA VAL A 136 -18.70 12.26 2.44
C VAL A 136 -18.56 13.31 3.54
N TYR A 137 -17.32 13.50 4.01
CA TYR A 137 -17.04 14.49 5.09
C TYR A 137 -16.43 15.73 4.42
N GLU A 138 -16.91 16.92 4.83
CA GLU A 138 -16.41 18.20 4.34
C GLU A 138 -15.55 18.88 5.39
N TYR A 139 -14.42 19.44 4.95
CA TYR A 139 -13.40 20.13 5.80
C TYR A 139 -13.10 21.50 5.19
N PRO A 140 -13.83 22.56 5.58
CA PRO A 140 -13.61 23.90 5.03
C PRO A 140 -12.29 24.55 5.47
N ASN A 141 -11.70 24.09 6.58
CA ASN A 141 -10.37 24.54 7.06
C ASN A 141 -10.28 26.04 7.38
N HIS A 142 -11.27 26.60 8.07
CA HIS A 142 -11.23 27.98 8.54
C HIS A 142 -10.45 28.06 9.84
N GLN A 143 -9.12 27.88 9.74
CA GLN A 143 -8.24 27.88 10.91
C GLN A 143 -6.77 28.15 10.56
N GLN A 144 -5.97 28.41 11.59
CA GLN A 144 -4.55 28.74 11.49
C GLN A 144 -3.72 27.56 10.98
N ALA A 145 -2.52 27.87 10.48
CA ALA A 145 -1.50 26.88 10.10
C ALA A 145 -1.12 26.04 11.32
N CYS A 146 -1.24 24.71 11.17
CA CYS A 146 -1.02 23.77 12.26
C CYS A 146 -0.91 22.27 12.00
N THR A 147 -0.56 21.53 13.05
CA THR A 147 -0.39 20.05 12.97
C THR A 147 -1.58 19.29 13.54
N LEU A 148 -2.52 18.89 12.66
CA LEU A 148 -3.67 18.06 12.95
C LEU A 148 -3.42 16.62 12.55
N TRP A 149 -4.24 15.71 13.08
CA TRP A 149 -4.17 14.30 12.74
C TRP A 149 -5.56 13.69 12.83
N TYR A 150 -5.85 12.77 11.91
CA TYR A 150 -7.15 12.08 11.77
C TYR A 150 -7.00 10.65 12.31
N HIS A 151 -8.00 10.19 13.07
CA HIS A 151 -8.00 8.87 13.68
C HIS A 151 -9.43 8.38 13.88
N ASP A 152 -9.58 7.06 14.06
CA ASP A 152 -10.88 6.47 14.31
C ASP A 152 -11.37 6.88 15.69
N HIS A 153 -12.68 7.14 15.80
CA HIS A 153 -13.33 7.50 17.09
C HIS A 153 -14.64 6.70 17.23
N ALA A 154 -14.63 5.43 16.82
CA ALA A 154 -15.83 4.59 16.89
C ALA A 154 -16.24 4.29 18.34
N MET A 155 -17.53 4.45 18.63
CA MET A 155 -18.09 4.31 19.98
C MET A 155 -17.62 3.03 20.67
N ALA A 156 -16.76 3.19 21.68
CA ALA A 156 -16.25 2.12 22.53
C ALA A 156 -15.28 1.14 21.85
N LEU A 157 -14.78 1.51 20.67
CA LEU A 157 -13.77 0.73 19.94
C LEU A 157 -12.48 1.51 19.66
N THR A 158 -12.46 2.78 20.07
CA THR A 158 -11.42 3.73 19.69
C THR A 158 -10.02 3.24 20.06
N ARG A 159 -9.86 2.72 21.29
CA ARG A 159 -8.57 2.17 21.79
C ARG A 159 -8.04 1.11 20.82
N LEU A 160 -8.92 0.21 20.36
CA LEU A 160 -8.56 -0.93 19.53
C LEU A 160 -8.31 -0.52 18.10
N ASN A 161 -9.23 0.24 17.51
CA ASN A 161 -9.14 0.69 16.12
C ASN A 161 -7.93 1.60 15.87
N VAL A 162 -7.61 2.45 16.86
CA VAL A 162 -6.43 3.30 16.82
C VAL A 162 -5.16 2.45 17.00
N TYR A 163 -5.16 1.57 18.00
CA TYR A 163 -4.02 0.66 18.30
C TYR A 163 -3.72 -0.19 17.06
N ALA A 164 -4.76 -0.62 16.33
CA ALA A 164 -4.64 -1.42 15.11
C ALA A 164 -3.99 -0.64 13.96
N GLY A 165 -3.91 0.69 14.12
CA GLY A 165 -3.16 1.55 13.22
C GLY A 165 -3.87 2.57 12.34
N LEU A 166 -5.18 2.77 12.59
CA LEU A 166 -5.96 3.77 11.83
C LEU A 166 -5.64 5.16 12.42
N ALA A 167 -4.60 5.81 11.89
CA ALA A 167 -4.15 7.11 12.39
C ALA A 167 -3.28 7.69 11.26
N GLY A 168 -3.48 8.98 10.97
CA GLY A 168 -2.70 9.67 9.96
C GLY A 168 -2.60 11.16 10.18
N PHE A 169 -1.66 11.81 9.47
CA PHE A 169 -1.39 13.24 9.60
C PHE A 169 -2.26 14.08 8.65
N TYR A 170 -2.63 15.28 9.13
CA TYR A 170 -3.42 16.28 8.38
C TYR A 170 -2.83 17.67 8.64
N LEU A 171 -2.08 18.22 7.67
CA LEU A 171 -1.35 19.47 7.84
C LEU A 171 -2.07 20.66 7.19
N ILE A 172 -2.42 21.65 8.02
CA ILE A 172 -2.96 22.93 7.57
C ILE A 172 -1.82 23.91 7.37
N SER A 173 -1.70 24.41 6.14
CA SER A 173 -0.70 25.40 5.76
C SER A 173 -1.36 26.75 5.56
N ASP A 174 -0.65 27.82 5.94
CA ASP A 174 -1.16 29.18 5.92
C ASP A 174 -0.21 30.10 5.17
N ALA A 175 -0.79 31.06 4.46
CA ALA A 175 -0.05 32.12 3.78
C ALA A 175 0.93 32.82 4.72
N PHE A 176 0.58 32.90 6.01
CA PHE A 176 1.48 33.48 7.02
C PHE A 176 2.28 32.44 7.83
N GLU A 177 2.51 31.30 7.16
CA GLU A 177 3.33 30.16 7.61
C GLU A 177 4.46 30.01 6.57
N LYS A 178 4.14 30.34 5.31
CA LYS A 178 5.06 30.34 4.17
C LYS A 178 6.17 31.40 4.26
N SER A 179 5.87 32.52 4.91
CA SER A 179 6.78 33.65 5.02
C SER A 179 7.83 33.40 6.09
N LEU A 180 7.68 32.33 6.87
CA LEU A 180 8.55 32.06 8.05
C LEU A 180 10.01 31.72 7.69
N GLU A 181 10.25 31.25 6.46
CA GLU A 181 11.57 30.81 5.99
C GLU A 181 12.02 29.70 6.95
N LEU A 182 11.14 28.72 7.17
CA LEU A 182 11.47 27.58 8.06
C LEU A 182 11.99 26.41 7.19
N PRO A 183 12.34 25.24 7.78
CA PRO A 183 12.78 24.09 6.99
C PRO A 183 11.54 23.59 6.23
N LYS A 184 11.65 23.39 4.91
CA LYS A 184 10.45 22.94 4.15
C LYS A 184 10.75 21.65 3.38
N ASP A 185 9.72 21.09 2.73
CA ASP A 185 9.80 19.89 1.93
C ASP A 185 10.54 18.73 2.64
N GLU A 186 11.71 18.34 2.12
CA GLU A 186 12.47 17.20 2.63
C GLU A 186 12.80 17.30 4.12
N TYR A 187 12.85 18.54 4.64
CA TYR A 187 13.27 18.88 6.01
C TYR A 187 12.07 19.28 6.87
N ASP A 188 10.86 18.91 6.43
CA ASP A 188 9.62 19.10 7.19
C ASP A 188 8.97 17.74 7.39
N ILE A 189 9.33 17.07 8.49
CA ILE A 189 9.02 15.66 8.71
C ILE A 189 8.00 15.46 9.83
N PRO A 190 6.81 14.86 9.54
CA PRO A 190 5.91 14.38 10.58
C PRO A 190 6.44 13.16 11.33
N LEU A 191 6.34 13.17 12.67
CA LEU A 191 6.79 12.06 13.52
C LEU A 191 5.66 11.60 14.44
N MET A 192 5.00 10.50 14.08
CA MET A 192 3.95 9.88 14.90
C MET A 192 4.55 8.81 15.79
N ILE A 193 4.70 9.13 17.08
CA ILE A 193 5.26 8.24 18.08
C ILE A 193 4.14 7.40 18.70
N MET A 194 4.30 6.07 18.64
CA MET A 194 3.33 5.10 19.16
C MET A 194 4.05 4.01 19.93
N ASP A 195 3.48 3.60 21.06
CA ASP A 195 3.98 2.41 21.79
C ASP A 195 3.12 1.20 21.43
N ARG A 196 3.78 0.04 21.24
CA ARG A 196 3.13 -1.22 20.80
C ARG A 196 3.82 -2.43 21.46
N THR A 197 3.15 -3.58 21.40
CA THR A 197 3.73 -4.87 21.80
C THR A 197 3.44 -5.90 20.71
N PHE A 198 4.48 -6.66 20.32
CA PHE A 198 4.38 -7.71 19.31
C PHE A 198 4.75 -9.07 19.89
N GLN A 199 4.14 -10.13 19.33
CA GLN A 199 4.47 -11.51 19.66
C GLN A 199 5.57 -11.99 18.73
N GLU A 200 6.20 -13.12 19.07
CA GLU A 200 7.26 -13.74 18.28
C GLU A 200 6.88 -13.92 16.80
N ASP A 201 5.61 -14.28 16.56
CA ASP A 201 5.07 -14.48 15.22
C ASP A 201 4.85 -13.18 14.43
N GLY A 202 5.24 -12.05 15.02
CA GLY A 202 5.14 -10.74 14.40
C GLY A 202 3.76 -10.12 14.43
N ALA A 203 2.83 -10.74 15.15
CA ALA A 203 1.46 -10.26 15.27
C ALA A 203 1.35 -9.29 16.46
N LEU A 204 0.37 -8.39 16.39
CA LEU A 204 0.08 -7.45 17.48
C LEU A 204 -0.38 -8.17 18.74
N PHE A 205 -0.07 -7.57 19.88
CA PHE A 205 -0.58 -8.02 21.18
C PHE A 205 -1.22 -6.86 21.90
N TYR A 206 -2.50 -7.03 22.27
CA TYR A 206 -3.27 -6.11 23.14
C TYR A 206 -3.88 -6.94 24.27
N PRO A 207 -3.73 -6.52 25.55
CA PRO A 207 -4.05 -7.37 26.69
C PRO A 207 -5.50 -7.87 26.69
N SER A 208 -5.70 -9.15 27.03
CA SER A 208 -7.02 -9.76 27.12
C SER A 208 -7.65 -9.53 28.49
N ARG A 209 -6.83 -9.17 29.48
CA ARG A 209 -7.37 -8.91 30.85
C ARG A 209 -6.45 -7.92 31.59
N PRO A 210 -6.66 -7.68 32.92
CA PRO A 210 -5.82 -6.79 33.70
C PRO A 210 -4.52 -7.50 34.09
N ASN A 211 -3.49 -6.77 34.55
CA ASN A 211 -2.23 -7.44 34.86
C ASN A 211 -2.27 -8.66 35.77
N ASN A 212 -3.11 -8.63 36.81
CA ASN A 212 -3.23 -9.83 37.69
C ASN A 212 -4.70 -10.27 37.78
N THR A 213 -4.96 -11.58 37.81
CA THR A 213 -6.36 -12.11 37.94
C THR A 213 -6.40 -13.37 38.81
N PRO A 214 -7.00 -13.31 40.01
CA PRO A 214 -7.06 -14.47 40.93
C PRO A 214 -8.25 -15.41 40.66
N GLU A 215 -7.98 -16.57 40.06
CA GLU A 215 -9.02 -17.57 39.69
C GLU A 215 -10.03 -16.92 38.73
N ASP A 216 -9.52 -16.05 37.84
CA ASP A 216 -10.35 -15.35 36.82
C ASP A 216 -11.49 -14.60 37.49
N SER A 217 -11.39 -14.47 38.80
CA SER A 217 -12.34 -13.81 39.73
C SER A 217 -13.79 -13.91 39.24
N ASP A 218 -14.40 -12.77 38.92
CA ASP A 218 -15.77 -12.75 38.37
C ASP A 218 -15.69 -11.89 37.13
N LEU A 219 -14.47 -11.43 36.83
CA LEU A 219 -14.12 -10.53 35.72
C LEU A 219 -14.43 -11.16 34.37
N PRO A 220 -14.79 -10.39 33.31
CA PRO A 220 -15.10 -10.96 31.99
C PRO A 220 -13.87 -11.25 31.12
N ASP A 221 -14.06 -11.95 30.00
CA ASP A 221 -12.96 -12.29 29.11
C ASP A 221 -13.41 -12.22 27.64
N PRO A 222 -12.86 -11.29 26.83
CA PRO A 222 -11.83 -10.35 27.27
C PRO A 222 -12.37 -9.21 28.15
N SER A 223 -11.46 -8.49 28.81
CA SER A 223 -11.76 -7.34 29.65
C SER A 223 -10.91 -6.21 29.09
N ILE A 224 -11.46 -5.00 29.22
CA ILE A 224 -10.76 -3.73 28.84
C ILE A 224 -9.87 -3.36 30.02
N VAL A 225 -8.63 -2.94 29.75
CA VAL A 225 -7.65 -2.60 30.77
C VAL A 225 -7.68 -1.12 31.14
N PRO A 226 -7.33 -0.73 32.39
CA PRO A 226 -7.34 0.68 32.79
C PRO A 226 -6.32 1.54 32.02
N PHE A 227 -5.26 0.90 31.50
CA PHE A 227 -4.25 1.55 30.68
C PHE A 227 -3.50 0.49 29.88
N PHE A 228 -2.74 0.93 28.87
CA PHE A 228 -1.99 -0.01 28.01
C PHE A 228 -0.60 0.57 27.70
N CYS A 229 0.44 -0.03 28.27
CA CYS A 229 1.84 0.42 28.05
C CYS A 229 2.55 -0.63 27.18
N GLY A 230 3.11 -0.18 26.06
CA GLY A 230 3.76 -1.04 25.08
C GLY A 230 5.23 -1.23 25.44
N GLU A 231 5.77 -2.40 25.07
CA GLU A 231 7.19 -2.73 25.37
C GLU A 231 8.11 -2.07 24.32
N THR A 232 7.65 -1.95 23.08
CA THR A 232 8.44 -1.36 22.01
C THR A 232 7.84 -0.04 21.57
N ILE A 233 8.70 0.86 21.06
CA ILE A 233 8.30 2.17 20.57
C ILE A 233 8.55 2.28 19.06
N LEU A 234 7.50 2.65 18.34
CA LEU A 234 7.52 2.88 16.90
C LEU A 234 7.43 4.38 16.64
N VAL A 235 8.20 4.85 15.64
CA VAL A 235 8.04 6.17 15.06
C VAL A 235 7.57 5.98 13.62
N ASN A 236 6.61 6.81 13.21
CA ASN A 236 5.83 6.62 12.00
C ASN A 236 5.51 5.13 11.83
N GLY A 237 6.17 4.46 10.89
CA GLY A 237 5.93 3.06 10.62
C GLY A 237 6.67 2.10 11.53
N LYS A 238 7.95 2.39 11.79
CA LYS A 238 8.90 1.38 12.24
C LYS A 238 9.29 1.47 13.70
N VAL A 239 9.71 0.31 14.25
CA VAL A 239 10.22 0.19 15.61
C VAL A 239 11.60 0.85 15.70
N TRP A 240 11.84 1.56 16.81
CA TRP A 240 13.10 2.27 17.08
C TRP A 240 13.92 2.51 15.81
N PRO A 241 13.43 3.37 14.89
CA PRO A 241 14.13 3.61 13.63
C PRO A 241 15.24 4.66 13.72
N TYR A 242 15.92 4.89 12.59
CA TYR A 242 16.97 5.93 12.42
C TYR A 242 16.66 6.91 11.29
N LEU A 243 17.24 8.11 11.35
CA LEU A 243 17.00 9.14 10.30
C LEU A 243 18.32 9.79 9.87
N GLU A 244 18.73 9.57 8.61
CA GLU A 244 19.92 10.14 8.01
C GLU A 244 19.61 11.60 7.68
N VAL A 245 20.25 12.50 8.43
CA VAL A 245 20.01 13.95 8.34
C VAL A 245 21.24 14.69 7.85
N GLU A 246 21.02 15.86 7.26
CA GLU A 246 22.08 16.78 6.89
C GLU A 246 22.42 17.62 8.12
N PRO A 247 23.67 18.12 8.27
CA PRO A 247 24.01 18.99 9.39
C PRO A 247 23.44 20.40 9.15
N ARG A 248 22.16 20.58 9.50
CA ARG A 248 21.39 21.84 9.31
C ARG A 248 20.13 21.79 10.18
N LYS A 249 19.25 22.78 10.05
CA LYS A 249 17.98 22.84 10.77
C LYS A 249 16.92 22.00 10.07
N TYR A 250 16.24 21.16 10.86
CA TYR A 250 15.08 20.30 10.45
C TYR A 250 13.85 20.71 11.26
N ARG A 251 12.67 20.71 10.62
CA ARG A 251 11.35 20.92 11.28
C ARG A 251 10.65 19.58 11.43
N PHE A 252 10.55 19.07 12.66
CA PHE A 252 9.82 17.84 12.97
C PHE A 252 8.50 18.20 13.63
N ARG A 253 7.42 17.59 13.13
CA ARG A 253 6.05 17.72 13.69
C ARG A 253 5.77 16.50 14.57
N ILE A 254 6.07 16.61 15.87
CA ILE A 254 6.02 15.50 16.81
C ILE A 254 4.60 15.32 17.35
N LEU A 255 4.05 14.12 17.16
CA LEU A 255 2.71 13.75 17.59
C LEU A 255 2.77 12.47 18.40
N ASN A 256 2.29 12.50 19.64
CA ASN A 256 2.10 11.30 20.44
C ASN A 256 0.73 10.70 20.13
N ALA A 257 0.73 9.55 19.42
CA ALA A 257 -0.50 8.86 19.04
C ALA A 257 -0.72 7.57 19.83
N SER A 258 -0.02 7.45 20.97
CA SER A 258 -0.07 6.27 21.80
C SER A 258 -1.39 6.17 22.56
N ASN A 259 -1.78 4.92 22.89
CA ASN A 259 -2.78 4.63 23.90
C ASN A 259 -2.03 4.72 25.23
N THR A 260 -2.52 5.62 26.09
CA THR A 260 -2.06 5.89 27.48
C THR A 260 -0.69 6.58 27.60
N ARG A 261 0.37 5.97 27.07
CA ARG A 261 1.76 6.45 27.24
C ARG A 261 2.01 7.95 27.00
N THR A 262 2.66 8.61 27.96
CA THR A 262 3.10 10.00 27.86
C THR A 262 4.61 9.99 27.94
N TYR A 263 5.27 10.68 27.01
CA TYR A 263 6.75 10.70 26.85
C TYR A 263 7.31 11.99 27.47
N GLU A 264 8.57 11.94 27.90
CA GLU A 264 9.37 13.13 28.22
C GLU A 264 10.60 13.07 27.33
N LEU A 265 10.49 13.70 26.15
CA LEU A 265 11.51 13.65 25.11
C LEU A 265 12.64 14.64 25.36
N HIS A 266 13.86 14.21 24.98
CA HIS A 266 15.10 15.04 25.11
C HIS A 266 16.23 14.42 24.27
N LEU A 267 16.99 15.25 23.55
CA LEU A 267 18.10 14.81 22.71
C LEU A 267 19.23 14.32 23.60
N ASP A 268 19.83 13.18 23.22
CA ASP A 268 20.84 12.52 24.05
C ASP A 268 22.10 13.38 24.24
N ASN A 269 22.38 14.26 23.27
CA ASN A 269 23.48 15.24 23.34
C ASN A 269 23.13 16.53 24.10
N ASP A 270 21.90 16.60 24.61
CA ASP A 270 21.34 17.79 25.23
C ASP A 270 21.54 19.01 24.34
N ALA A 271 21.16 18.86 23.06
CA ALA A 271 21.03 19.96 22.13
C ALA A 271 19.65 20.55 22.32
N THR A 272 19.50 21.83 21.99
CA THR A 272 18.25 22.56 22.22
C THR A 272 17.19 22.14 21.20
N ILE A 273 16.01 21.78 21.71
CA ILE A 273 14.85 21.40 20.91
C ILE A 273 13.95 22.63 20.87
N LEU A 274 13.91 23.31 19.72
CA LEU A 274 13.24 24.62 19.62
C LEU A 274 11.79 24.51 19.12
N GLN A 275 10.83 24.52 20.06
CA GLN A 275 9.42 24.44 19.71
C GLN A 275 8.89 25.77 19.21
N ILE A 276 8.27 25.74 18.02
CA ILE A 276 7.67 26.92 17.38
C ILE A 276 6.13 26.92 17.40
N GLY A 277 5.52 25.76 17.71
CA GLY A 277 4.08 25.61 17.66
C GLY A 277 3.51 24.47 18.50
N SER A 278 2.25 24.64 18.90
CA SER A 278 1.47 23.66 19.67
C SER A 278 0.24 23.23 18.87
N ASP A 279 -0.57 22.35 19.46
CA ASP A 279 -1.80 21.80 18.84
C ASP A 279 -2.44 22.71 17.78
N GLY A 280 -2.82 23.91 18.22
CA GLY A 280 -3.62 24.82 17.41
C GLY A 280 -2.86 25.60 16.34
N GLY A 281 -1.55 25.78 16.56
CA GLY A 281 -0.69 26.50 15.64
C GLY A 281 0.52 27.08 16.32
N PHE A 282 1.16 28.05 15.65
CA PHE A 282 2.39 28.66 16.12
C PHE A 282 2.22 29.33 17.48
N LEU A 283 3.26 29.22 18.32
CA LEU A 283 3.27 29.82 19.64
C LEU A 283 3.40 31.33 19.54
N PRO A 284 3.13 32.08 20.64
CA PRO A 284 3.41 33.52 20.65
C PRO A 284 4.90 33.77 20.40
N ARG A 285 5.75 32.89 20.94
CA ARG A 285 7.22 32.88 20.72
C ARG A 285 7.72 31.44 20.68
N PRO A 286 8.75 31.12 19.86
CA PRO A 286 9.45 29.84 19.97
C PRO A 286 10.14 29.72 21.34
N VAL A 287 10.13 28.52 21.93
CA VAL A 287 10.66 28.34 23.29
C VAL A 287 11.55 27.11 23.37
N HIS A 288 12.71 27.29 24.03
CA HIS A 288 13.92 26.49 23.75
C HIS A 288 14.05 25.01 24.20
N HIS A 289 13.35 24.60 25.26
CA HIS A 289 13.18 23.17 25.61
C HIS A 289 14.46 22.31 25.51
N GLN A 290 15.04 21.95 26.66
CA GLN A 290 16.04 20.87 26.73
C GLN A 290 15.36 19.50 26.73
N SER A 291 14.37 19.34 27.63
CA SER A 291 13.45 18.22 27.61
C SER A 291 12.03 18.78 27.58
N PHE A 292 11.07 17.94 27.21
CA PHE A 292 9.66 18.32 27.29
C PHE A 292 8.71 17.11 27.26
N THR A 293 7.56 17.27 27.91
CA THR A 293 6.57 16.21 28.04
C THR A 293 5.52 16.30 26.94
N ILE A 294 5.20 15.14 26.34
CA ILE A 294 4.24 15.01 25.24
C ILE A 294 3.26 13.88 25.54
N ALA A 295 1.98 14.24 25.66
CA ALA A 295 0.91 13.35 26.06
C ALA A 295 0.01 13.01 24.88
N PRO A 296 -0.82 11.94 24.98
CA PRO A 296 -1.64 11.48 23.86
C PRO A 296 -2.41 12.62 23.18
N ALA A 297 -2.25 12.76 21.86
CA ALA A 297 -2.94 13.74 21.02
C ALA A 297 -2.37 15.17 21.07
N GLU A 298 -1.35 15.39 21.91
CA GLU A 298 -0.61 16.66 21.90
C GLU A 298 0.33 16.66 20.70
N ARG A 299 0.50 17.84 20.08
CA ARG A 299 1.44 18.04 18.94
C ARG A 299 2.45 19.14 19.29
N PHE A 300 3.74 18.86 19.07
CA PHE A 300 4.82 19.82 19.20
C PHE A 300 5.45 20.03 17.82
N ASP A 301 5.25 21.23 17.26
CA ASP A 301 5.91 21.64 16.02
C ASP A 301 7.28 22.18 16.42
N VAL A 302 8.34 21.46 16.03
CA VAL A 302 9.67 21.66 16.58
C VAL A 302 10.71 21.83 15.48
N ILE A 303 11.81 22.53 15.82
CA ILE A 303 13.00 22.64 14.98
C ILE A 303 14.23 22.19 15.78
N ILE A 304 15.03 21.32 15.16
CA ILE A 304 16.31 20.86 15.71
C ILE A 304 17.41 21.13 14.71
N ASP A 305 18.52 21.71 15.19
CA ASP A 305 19.67 22.05 14.37
C ASP A 305 20.80 21.04 14.59
N PHE A 306 21.14 20.32 13.52
CA PHE A 306 22.20 19.31 13.51
C PHE A 306 23.54 19.85 13.02
N SER A 307 23.56 21.11 12.57
CA SER A 307 24.76 21.75 12.04
C SER A 307 26.05 21.62 12.84
N ALA A 308 25.98 21.77 14.16
CA ALA A 308 27.16 21.69 15.02
C ALA A 308 27.65 20.27 15.29
N TYR A 309 26.86 19.27 14.89
CA TYR A 309 27.00 17.84 15.31
C TYR A 309 27.26 16.96 14.08
N GLU A 310 27.95 17.48 13.07
CA GLU A 310 28.25 16.75 11.83
C GLU A 310 28.96 15.43 12.13
N ASN A 311 28.56 14.37 11.40
CA ASN A 311 29.13 13.02 11.51
C ASN A 311 28.92 12.27 12.84
N LYS A 312 28.02 12.77 13.69
CA LYS A 312 27.69 12.15 14.97
C LYS A 312 26.33 11.46 14.94
N THR A 313 26.02 10.72 16.02
CA THR A 313 24.80 9.94 16.13
C THR A 313 24.04 10.35 17.39
N ILE A 314 22.98 11.15 17.19
CA ILE A 314 22.22 11.76 18.27
C ILE A 314 20.87 11.05 18.36
N THR A 315 20.69 10.29 19.46
CA THR A 315 19.46 9.55 19.72
C THR A 315 18.44 10.40 20.49
N LEU A 316 17.16 10.21 20.13
CA LEU A 316 16.04 10.86 20.80
C LEU A 316 15.58 9.96 21.95
N LYS A 317 15.75 10.47 23.18
CA LYS A 317 15.51 9.71 24.40
C LYS A 317 14.28 10.17 25.17
N ASN A 318 13.80 9.26 26.04
CA ASN A 318 12.61 9.45 26.86
C ASN A 318 12.96 9.17 28.32
N LYS A 319 12.46 10.02 29.22
CA LYS A 319 12.69 9.87 30.69
C LYS A 319 11.32 9.81 31.39
N ALA A 320 10.32 9.23 30.71
CA ALA A 320 8.96 9.10 31.24
C ALA A 320 8.59 7.63 31.27
N GLY A 321 8.34 7.14 32.49
CA GLY A 321 8.01 5.72 32.72
C GLY A 321 6.54 5.43 32.52
N CYS A 322 6.20 4.15 32.34
CA CYS A 322 4.80 3.70 32.14
C CYS A 322 4.45 2.73 33.26
N GLY A 323 3.87 3.23 34.36
CA GLY A 323 3.55 2.40 35.50
C GLY A 323 4.75 1.58 35.96
N GLN A 324 5.95 2.03 35.59
CA GLN A 324 7.20 1.31 35.79
C GLN A 324 8.36 2.27 35.51
N GLU A 325 9.52 1.99 36.12
CA GLU A 325 10.77 2.70 35.82
C GLU A 325 11.05 2.55 34.32
N VAL A 326 11.53 3.63 33.70
CA VAL A 326 11.92 3.61 32.28
C VAL A 326 13.12 2.68 32.10
N ASN A 327 12.98 1.73 31.16
CA ASN A 327 14.03 0.78 30.80
C ASN A 327 14.97 1.41 29.79
N PRO A 328 16.30 1.46 30.07
CA PRO A 328 17.27 2.09 29.16
C PRO A 328 17.40 1.34 27.83
N GLU A 329 17.24 0.01 27.85
CA GLU A 329 17.36 -0.84 26.67
C GLU A 329 16.18 -0.75 25.70
N THR A 330 15.04 -0.20 26.16
CA THR A 330 13.81 -0.18 25.36
C THR A 330 13.12 1.19 25.32
N ASP A 331 12.15 1.40 26.22
CA ASP A 331 11.27 2.58 26.17
C ASP A 331 11.95 3.90 26.56
N ALA A 332 13.24 3.82 26.94
CA ALA A 332 14.09 5.01 27.08
C ALA A 332 14.49 5.61 25.71
N ASN A 333 14.24 4.86 24.63
CA ASN A 333 14.61 5.26 23.28
C ASN A 333 13.40 5.47 22.37
N ILE A 334 13.48 6.48 21.50
CA ILE A 334 12.46 6.75 20.48
C ILE A 334 13.02 6.42 19.09
N MET A 335 14.16 7.01 18.78
CA MET A 335 14.78 6.85 17.44
C MET A 335 16.18 7.45 17.44
N GLN A 336 16.83 7.42 16.30
CA GLN A 336 18.22 7.88 16.19
C GLN A 336 18.50 8.69 14.93
N PHE A 337 18.97 9.93 15.13
CA PHE A 337 19.41 10.79 14.03
C PHE A 337 20.90 10.57 13.78
N LYS A 338 21.25 10.31 12.51
CA LYS A 338 22.64 10.21 12.07
C LYS A 338 22.93 11.34 11.08
N VAL A 339 23.88 12.21 11.42
CA VAL A 339 24.17 13.40 10.62
C VAL A 339 25.26 13.09 9.58
N THR A 340 24.92 12.18 8.66
CA THR A 340 25.89 11.72 7.65
C THR A 340 25.51 12.26 6.26
N ARG A 341 24.24 12.61 6.03
CA ARG A 341 23.88 13.10 4.68
C ARG A 341 24.59 14.42 4.41
N PRO A 342 25.04 14.69 3.17
CA PRO A 342 25.75 15.92 2.85
C PRO A 342 24.80 17.06 2.50
N LEU A 343 25.28 18.29 2.67
CA LEU A 343 24.52 19.53 2.51
C LEU A 343 24.09 19.75 1.05
N LYS A 344 22.79 19.67 0.79
CA LYS A 344 22.21 20.28 -0.41
C LYS A 344 22.07 21.77 -0.09
N GLY A 345 22.36 22.63 -1.08
CA GLY A 345 22.19 24.06 -0.95
C GLY A 345 23.01 24.68 0.18
N PRO A 348 22.03 29.37 6.22
CA PRO A 348 20.87 30.05 6.82
C PRO A 348 20.89 29.89 8.34
N LYS A 349 20.25 30.82 9.06
CA LYS A 349 20.24 30.78 10.55
C LYS A 349 18.96 31.41 11.07
N THR A 350 17.90 30.61 11.19
CA THR A 350 16.54 30.95 11.72
C THR A 350 15.85 32.15 11.05
N LEU A 351 14.84 32.72 11.72
CA LEU A 351 14.07 33.89 11.20
C LEU A 351 13.21 34.42 12.35
N ARG A 352 13.58 35.57 12.92
CA ARG A 352 12.82 36.18 14.05
C ARG A 352 12.62 35.04 15.06
N ILE A 354 6.75 37.34 19.38
CA ILE A 354 8.01 37.09 18.62
C ILE A 354 7.66 36.34 17.33
N PHE A 355 6.61 35.51 17.37
CA PHE A 355 6.18 34.73 16.18
C PHE A 355 4.78 35.18 15.75
N LYS A 356 3.79 34.30 15.94
CA LYS A 356 2.41 34.61 15.56
C LYS A 356 1.75 35.64 16.49
N PRO A 357 1.12 36.70 15.93
CA PRO A 357 0.23 37.55 16.71
C PRO A 357 -1.09 36.84 17.07
N LEU A 358 -1.51 36.90 18.33
CA LEU A 358 -2.75 36.27 18.78
C LEU A 358 -3.55 37.22 19.67
N PRO A 359 -4.80 36.88 20.06
CA PRO A 359 -5.62 37.73 20.93
C PRO A 359 -4.90 38.19 22.20
N PRO A 360 -5.36 39.31 22.80
CA PRO A 360 -4.52 40.13 23.69
C PRO A 360 -3.98 39.42 24.95
N LEU A 361 -4.69 39.36 26.07
CA LEU A 361 -3.99 38.76 27.24
C LEU A 361 -4.96 38.07 28.21
N ARG A 362 -5.50 36.91 27.80
CA ARG A 362 -6.47 36.09 28.59
C ARG A 362 -7.48 37.02 29.28
N PRO A 363 -8.21 37.86 28.53
CA PRO A 363 -9.16 38.80 29.12
C PRO A 363 -10.17 38.18 30.09
N SER A 364 -10.60 36.94 29.83
CA SER A 364 -11.59 36.20 30.65
C SER A 364 -12.92 36.97 30.66
N ARG A 365 -13.61 36.98 31.81
CA ARG A 365 -14.92 37.67 31.96
C ARG A 365 -15.81 37.25 30.79
N ALA A 366 -16.03 35.95 30.63
CA ALA A 366 -16.80 35.44 29.48
C ALA A 366 -18.24 35.26 29.96
N ASP A 367 -19.10 34.73 29.09
CA ASP A 367 -20.55 34.55 29.38
C ASP A 367 -20.81 33.43 30.39
N GLN A 368 -19.90 32.44 30.52
CA GLN A 368 -20.20 31.37 31.46
C GLN A 368 -19.00 30.65 32.07
N GLU A 369 -19.06 30.33 33.39
CA GLU A 369 -18.01 29.52 34.08
C GLU A 369 -18.56 28.14 34.47
N ARG A 370 -17.88 27.06 34.04
CA ARG A 370 -18.16 25.63 34.31
C ARG A 370 -17.09 25.06 35.25
N THR A 371 -17.50 24.20 36.20
CA THR A 371 -16.59 23.52 37.11
C THR A 371 -16.74 22.02 36.90
N LEU A 372 -15.86 21.45 36.06
CA LEU A 372 -15.89 20.04 35.70
C LEU A 372 -14.86 19.31 36.54
N THR A 373 -15.30 18.21 37.18
CA THR A 373 -14.48 17.43 38.10
C THR A 373 -14.28 15.99 37.58
N LEU A 374 -13.03 15.53 37.58
CA LEU A 374 -12.68 14.17 37.14
C LEU A 374 -12.86 13.19 38.30
N THR A 375 -13.44 12.02 38.02
CA THR A 375 -13.71 11.03 39.06
C THR A 375 -13.57 9.59 38.57
N GLY A 376 -13.48 8.67 39.55
CA GLY A 376 -13.34 7.25 39.31
C GLY A 376 -14.21 6.48 40.28
N THR A 377 -14.97 5.51 39.75
CA THR A 377 -15.86 4.66 40.58
C THR A 377 -15.63 3.18 40.21
N GLN A 378 -16.46 2.29 40.73
CA GLN A 378 -16.33 0.84 40.43
C GLN A 378 -17.56 0.22 39.76
N ASP A 379 -17.36 -0.91 39.08
CA ASP A 379 -18.44 -1.63 38.38
C ASP A 379 -18.74 -2.96 39.06
N LYS A 380 -19.77 -3.64 38.56
CA LYS A 380 -20.14 -4.99 38.98
C LYS A 380 -18.94 -5.88 39.33
N TYR A 381 -17.93 -5.87 38.44
CA TYR A 381 -16.78 -6.81 38.45
C TYR A 381 -15.67 -6.28 39.37
N GLY A 382 -15.67 -4.98 39.66
CA GLY A 382 -14.71 -4.38 40.58
C GLY A 382 -13.43 -3.92 39.89
N ARG A 383 -13.59 -3.14 38.83
CA ARG A 383 -12.50 -2.51 38.04
C ARG A 383 -12.87 -1.04 37.78
N PRO A 384 -11.89 -0.14 37.54
CA PRO A 384 -12.16 1.29 37.46
C PRO A 384 -12.98 1.73 36.23
N ILE A 385 -14.05 2.48 36.46
CA ILE A 385 -14.74 3.27 35.44
C ILE A 385 -14.29 4.70 35.65
N LEU A 386 -13.69 5.30 34.61
CA LEU A 386 -13.26 6.70 34.67
C LEU A 386 -14.37 7.59 34.13
N LEU A 387 -14.81 8.56 34.94
CA LEU A 387 -15.96 9.40 34.48
C LEU A 387 -15.73 10.89 34.75
N LEU A 388 -16.39 11.69 33.93
CA LEU A 388 -16.44 13.16 33.96
C LEU A 388 -17.72 13.59 34.68
N ASP A 389 -17.56 14.39 35.74
CA ASP A 389 -18.67 14.81 36.59
C ASP A 389 -19.53 13.63 37.08
N ASN A 390 -18.88 12.47 37.23
CA ASN A 390 -19.57 11.22 37.63
C ASN A 390 -20.73 11.02 36.65
N HIS A 391 -20.49 11.32 35.37
CA HIS A 391 -21.55 11.22 34.34
C HIS A 391 -21.13 10.26 33.21
N PHE A 392 -22.00 9.31 32.86
CA PHE A 392 -21.68 8.37 31.76
C PHE A 392 -21.98 9.10 30.47
N TRP A 393 -21.35 8.64 29.39
CA TRP A 393 -21.54 9.20 28.03
C TRP A 393 -23.03 9.15 27.69
N ASN A 394 -23.72 8.05 28.04
CA ASN A 394 -25.15 8.02 27.71
C ASN A 394 -26.21 8.68 28.62
N ASP A 395 -25.77 9.61 29.48
CA ASP A 395 -26.65 10.43 30.32
C ASP A 395 -26.95 11.74 29.59
N PRO A 396 -27.95 12.54 30.05
CA PRO A 396 -28.31 13.79 29.38
C PRO A 396 -27.19 14.84 29.39
N VAL A 397 -27.14 15.68 28.35
CA VAL A 397 -26.08 16.67 28.17
C VAL A 397 -26.07 17.73 29.28
N THR A 398 -24.89 17.95 29.87
CA THR A 398 -24.66 19.00 30.87
C THR A 398 -23.89 20.18 30.29
N GLU A 399 -22.98 19.87 29.35
CA GLU A 399 -22.14 20.87 28.70
C GLU A 399 -22.76 21.33 27.40
N ASN A 400 -23.50 22.44 27.47
CA ASN A 400 -24.19 23.00 26.26
C ASN A 400 -23.81 24.46 26.06
N PRO A 401 -22.68 24.77 25.38
CA PRO A 401 -22.26 26.15 25.15
C PRO A 401 -23.05 26.81 24.00
N ARG A 402 -23.40 28.09 24.16
CA ARG A 402 -24.14 28.86 23.13
C ARG A 402 -23.18 29.22 21.99
N LEU A 403 -23.67 29.22 20.75
CA LEU A 403 -22.84 29.41 19.54
C LEU A 403 -21.84 30.56 19.57
N GLY A 404 -22.27 31.75 20.03
CA GLY A 404 -21.38 32.89 20.15
C GLY A 404 -20.49 32.85 21.38
N SER A 405 -20.96 32.15 22.42
CA SER A 405 -20.46 32.27 23.76
C SER A 405 -19.00 31.90 23.99
N VAL A 406 -18.42 32.58 25.00
CA VAL A 406 -17.03 32.34 25.49
C VAL A 406 -17.15 31.83 26.93
N GLU A 407 -16.62 30.63 27.20
CA GLU A 407 -16.72 29.99 28.51
C GLU A 407 -15.36 29.69 29.11
N VAL A 408 -15.31 29.75 30.45
CA VAL A 408 -14.15 29.34 31.23
C VAL A 408 -14.49 28.05 31.95
N TRP A 409 -13.67 27.02 31.70
CA TRP A 409 -13.87 25.69 32.24
C TRP A 409 -12.80 25.37 33.27
N SER A 410 -13.25 25.06 34.49
CA SER A 410 -12.36 24.70 35.63
C SER A 410 -12.34 23.18 35.80
N ILE A 411 -11.27 22.54 35.33
CA ILE A 411 -11.08 21.09 35.40
C ILE A 411 -10.37 20.77 36.71
N VAL A 412 -11.08 20.08 37.60
CA VAL A 412 -10.60 19.69 38.91
C VAL A 412 -10.18 18.23 38.86
N ASN A 413 -8.91 17.97 39.21
CA ASN A 413 -8.36 16.62 39.22
C ASN A 413 -8.05 16.13 40.62
N PRO A 414 -9.03 15.53 41.34
CA PRO A 414 -8.76 14.85 42.60
C PRO A 414 -8.09 13.49 42.37
N THR A 415 -8.09 13.02 41.11
CA THR A 415 -7.53 11.70 40.70
C THR A 415 -6.02 11.58 40.97
N ARG A 416 -5.54 10.35 41.17
CA ARG A 416 -4.10 10.10 41.41
C ARG A 416 -3.35 10.18 40.09
N GLY A 417 -4.08 10.12 38.97
CA GLY A 417 -3.50 10.19 37.64
C GLY A 417 -3.59 11.53 36.93
N THR A 418 -2.79 11.66 35.85
CA THR A 418 -2.52 12.93 35.15
C THR A 418 -3.56 13.38 34.11
N HIS A 419 -4.46 12.45 33.75
CA HIS A 419 -5.59 12.54 32.78
C HIS A 419 -5.59 13.77 31.84
N PRO A 420 -5.05 13.69 30.61
CA PRO A 420 -5.06 14.81 29.65
C PRO A 420 -6.45 14.94 28.99
N ILE A 421 -6.98 16.18 28.89
CA ILE A 421 -8.37 16.39 28.39
C ILE A 421 -8.34 17.00 27.00
N HIS A 422 -9.26 16.56 26.13
CA HIS A 422 -9.41 17.10 24.79
C HIS A 422 -10.85 17.53 24.52
N LEU A 423 -11.00 18.66 23.81
CA LEU A 423 -12.30 19.22 23.40
C LEU A 423 -12.40 19.32 21.88
N HIS A 424 -13.49 18.79 21.32
CA HIS A 424 -13.67 18.84 19.85
C HIS A 424 -14.09 20.25 19.43
N LEU A 425 -13.84 20.56 18.14
CA LEU A 425 -14.19 21.81 17.40
C LEU A 425 -13.36 23.06 17.79
N VAL A 426 -13.17 23.33 19.08
CA VAL A 426 -12.51 24.55 19.53
C VAL A 426 -11.04 24.35 19.84
N GLN A 427 -10.30 25.47 19.82
CA GLN A 427 -8.93 25.55 20.30
C GLN A 427 -8.93 26.51 21.50
N PHE A 428 -8.84 25.94 22.70
CA PHE A 428 -8.87 26.71 23.94
C PHE A 428 -7.48 27.24 24.30
N ARG A 429 -7.46 28.15 25.28
CA ARG A 429 -6.22 28.75 25.85
C ARG A 429 -6.20 28.50 27.36
N VAL A 430 -5.02 28.19 27.92
CA VAL A 430 -4.87 27.91 29.34
C VAL A 430 -4.71 29.21 30.11
N ILE A 431 -5.58 29.41 31.11
CA ILE A 431 -5.48 30.54 32.03
C ILE A 431 -4.39 30.26 33.05
N ASP A 432 -4.59 29.19 33.84
CA ASP A 432 -3.66 28.81 34.90
C ASP A 432 -3.93 27.41 35.45
N ARG A 433 -2.96 26.91 36.21
CA ARG A 433 -3.09 25.73 37.11
C ARG A 433 -3.05 26.22 38.56
N ARG A 434 -3.58 25.43 39.49
CA ARG A 434 -3.61 25.78 40.93
C ARG A 434 -3.86 24.50 41.74
N PRO A 435 -2.88 24.01 42.54
CA PRO A 435 -3.06 22.79 43.33
C PRO A 435 -3.85 23.02 44.61
N PHE A 436 -4.80 22.12 44.84
CA PHE A 436 -5.63 22.14 46.06
C PHE A 436 -5.00 21.21 47.09
N ASP A 437 -5.83 20.44 47.80
CA ASP A 437 -5.31 19.54 48.85
C ASP A 437 -5.58 18.08 48.49
N THR A 438 -6.78 17.79 47.96
CA THR A 438 -7.28 16.44 47.54
C THR A 438 -7.79 15.63 48.74
N GLU A 439 -7.00 15.50 49.81
CA GLU A 439 -7.44 14.76 51.03
C GLU A 439 -8.63 15.51 51.64
N VAL A 440 -8.54 16.84 51.71
CA VAL A 440 -9.65 17.68 52.25
C VAL A 440 -10.91 17.35 51.45
N TYR A 441 -10.80 17.39 50.12
CA TYR A 441 -11.79 17.10 49.05
C TYR A 441 -12.32 15.66 49.17
N GLN A 442 -11.41 14.69 49.18
CA GLN A 442 -11.80 13.25 49.31
C GLN A 442 -12.57 13.03 50.61
N SER A 443 -12.12 13.66 51.71
CA SER A 443 -12.80 13.50 53.02
C SER A 443 -14.04 14.39 53.07
N THR A 444 -13.92 15.70 52.78
CA THR A 444 -15.10 16.60 52.89
C THR A 444 -15.80 16.68 51.54
N GLY A 445 -15.25 17.50 50.63
CA GLY A 445 -15.84 17.65 49.29
C GLY A 445 -15.70 19.11 48.90
N ASP A 446 -14.85 19.84 49.63
CA ASP A 446 -14.63 21.28 49.39
C ASP A 446 -13.22 21.50 48.86
N ILE A 447 -13.06 22.42 47.91
CA ILE A 447 -11.73 22.66 47.38
C ILE A 447 -11.02 23.74 48.18
N VAL A 448 -9.79 23.45 48.64
CA VAL A 448 -8.92 24.42 49.33
C VAL A 448 -7.51 24.30 48.78
N TYR A 449 -6.95 25.44 48.37
CA TYR A 449 -5.72 25.54 47.52
C TYR A 449 -4.47 25.57 48.42
N THR A 450 -3.50 24.70 48.13
CA THR A 450 -2.26 24.59 48.89
C THR A 450 -1.32 25.76 48.59
N GLY A 451 -1.32 26.21 47.32
CA GLY A 451 -0.48 27.30 46.85
C GLY A 451 -1.20 28.28 45.92
N PRO A 452 -0.51 29.37 45.51
CA PRO A 452 -1.11 30.38 44.64
C PRO A 452 -1.17 29.95 43.16
N ASN A 453 -1.83 30.76 42.33
CA ASN A 453 -2.04 30.46 40.91
C ASN A 453 -0.72 30.41 40.18
N GLU A 454 -0.50 29.33 39.44
CA GLU A 454 0.69 29.19 38.60
C GLU A 454 0.27 29.24 37.13
N ALA A 455 0.68 30.31 36.46
CA ALA A 455 0.40 30.54 35.04
C ALA A 455 1.12 29.46 34.22
N PRO A 456 0.59 29.10 33.04
CA PRO A 456 1.16 27.99 32.27
C PRO A 456 2.52 28.35 31.67
N PRO A 457 3.36 27.34 31.32
CA PRO A 457 4.63 27.58 30.64
C PRO A 457 4.42 28.18 29.24
N LEU A 458 5.46 28.79 28.67
CA LEU A 458 5.36 29.56 27.43
C LEU A 458 4.80 28.76 26.24
N HIS A 459 5.06 27.44 26.24
CA HIS A 459 4.55 26.54 25.20
C HIS A 459 3.07 26.16 25.33
N GLU A 460 2.51 26.40 26.53
CA GLU A 460 1.08 26.19 26.80
C GLU A 460 0.26 27.48 26.69
N GLN A 461 0.95 28.60 26.45
CA GLN A 461 0.36 29.96 26.36
C GLN A 461 -0.33 30.16 25.01
N GLY A 462 -0.09 29.26 24.05
CA GLY A 462 -0.70 29.28 22.73
C GLY A 462 -2.06 28.59 22.69
N TYR A 463 -2.45 28.16 21.49
CA TYR A 463 -3.73 27.46 21.19
C TYR A 463 -3.55 25.95 21.43
N LYS A 464 -4.36 25.37 22.33
CA LYS A 464 -4.32 23.94 22.62
C LYS A 464 -5.73 23.32 22.49
N ASP A 465 -5.78 22.03 22.12
CA ASP A 465 -7.05 21.27 22.10
C ASP A 465 -7.05 20.07 23.04
N THR A 466 -5.85 19.68 23.50
CA THR A 466 -5.65 18.63 24.47
C THR A 466 -4.60 19.11 25.49
N ILE A 467 -4.99 19.12 26.77
CA ILE A 467 -4.18 19.68 27.83
C ILE A 467 -4.06 18.71 29.01
N GLN A 468 -2.85 18.57 29.55
CA GLN A 468 -2.60 17.75 30.73
C GLN A 468 -3.19 18.36 31.98
N ALA A 469 -4.15 17.63 32.58
CA ALA A 469 -4.70 17.98 33.89
C ALA A 469 -3.96 17.15 34.93
N HIS A 470 -3.08 17.80 35.71
CA HIS A 470 -2.26 17.13 36.71
C HIS A 470 -3.06 16.78 37.96
N ALA A 471 -2.54 15.83 38.75
CA ALA A 471 -3.20 15.33 39.95
C ALA A 471 -3.10 16.32 41.11
N GLY A 472 -4.19 16.41 41.90
CA GLY A 472 -4.29 17.34 43.02
C GLY A 472 -4.22 18.78 42.59
N GLU A 473 -4.83 19.07 41.43
CA GLU A 473 -4.71 20.37 40.77
C GLU A 473 -5.98 20.72 39.99
N VAL A 474 -6.30 22.02 39.95
CA VAL A 474 -7.38 22.55 39.13
C VAL A 474 -6.76 23.41 38.05
N ILE A 475 -7.16 23.15 36.79
CA ILE A 475 -6.66 23.87 35.63
C ILE A 475 -7.83 24.57 34.93
N ARG A 476 -7.69 25.89 34.74
CA ARG A 476 -8.72 26.75 34.10
C ARG A 476 -8.34 27.00 32.64
N ILE A 477 -9.26 26.73 31.70
CA ILE A 477 -9.05 27.02 30.29
C ILE A 477 -10.26 27.77 29.73
N ILE A 478 -10.00 28.73 28.83
CA ILE A 478 -11.05 29.53 28.20
C ILE A 478 -11.18 29.15 26.73
N ALA A 479 -12.42 29.11 26.24
CA ALA A 479 -12.73 28.71 24.87
C ALA A 479 -13.89 29.51 24.31
N ARG A 480 -13.74 30.00 23.08
CA ARG A 480 -14.79 30.70 22.29
C ARG A 480 -15.44 29.68 21.35
N PHE A 481 -16.68 29.31 21.62
CA PHE A 481 -17.33 28.19 20.88
C PHE A 481 -17.79 28.54 19.48
N VAL A 482 -16.96 29.22 18.68
CA VAL A 482 -17.39 29.51 17.29
C VAL A 482 -16.51 28.71 16.34
N PRO A 483 -16.92 28.42 15.09
CA PRO A 483 -18.07 29.02 14.44
C PRO A 483 -19.21 28.10 14.00
N TYR A 484 -19.30 26.89 14.55
CA TYR A 484 -20.40 26.01 14.10
C TYR A 484 -21.16 25.50 15.33
N SER A 485 -22.43 25.17 15.14
CA SER A 485 -23.29 24.62 16.18
C SER A 485 -23.58 23.16 15.87
N GLY A 486 -24.19 22.47 16.85
CA GLY A 486 -24.53 21.07 16.74
C GLY A 486 -23.92 20.23 17.84
N ARG A 487 -23.90 18.91 17.63
CA ARG A 487 -23.48 17.89 18.62
C ARG A 487 -21.99 17.57 18.44
N TYR A 488 -21.19 17.80 19.49
CA TYR A 488 -19.73 17.51 19.54
C TYR A 488 -19.44 16.70 20.80
N VAL A 489 -18.15 16.52 21.14
CA VAL A 489 -17.73 15.73 22.30
C VAL A 489 -16.53 16.37 23.00
N TRP A 490 -16.38 16.09 24.30
CA TRP A 490 -15.15 16.35 25.04
C TRP A 490 -14.84 15.12 25.89
N HIS A 491 -13.56 14.80 26.03
CA HIS A 491 -13.17 13.60 26.79
C HIS A 491 -11.67 13.59 27.07
N CYS A 492 -11.26 12.61 27.88
CA CYS A 492 -9.85 12.32 28.15
C CYS A 492 -9.34 11.45 27.01
N HIS A 493 -8.16 11.80 26.47
CA HIS A 493 -7.62 11.17 25.27
C HIS A 493 -6.65 10.01 25.53
N ILE A 494 -6.62 9.52 26.77
CA ILE A 494 -6.11 8.19 27.06
C ILE A 494 -7.24 7.24 26.65
N LEU A 495 -7.00 6.50 25.57
CA LEU A 495 -8.06 5.78 24.86
C LEU A 495 -8.81 4.79 25.77
N GLU A 496 -8.05 4.10 26.64
CA GLU A 496 -8.59 3.14 27.59
C GLU A 496 -9.53 3.82 28.59
N HIS A 497 -9.19 5.04 29.01
CA HIS A 497 -10.06 5.87 29.85
C HIS A 497 -11.27 6.36 29.04
N GLU A 498 -11.01 6.84 27.82
CA GLU A 498 -12.02 7.37 26.91
C GLU A 498 -13.19 6.41 26.77
N ASP A 499 -12.87 5.13 26.47
CA ASP A 499 -13.88 4.11 26.26
C ASP A 499 -14.76 3.62 27.45
N TYR A 500 -14.26 3.83 28.66
CA TYR A 500 -14.98 3.39 29.88
C TYR A 500 -14.55 4.28 31.05
N ASP A 501 -15.21 5.42 31.22
CA ASP A 501 -16.04 6.07 30.18
C ASP A 501 -15.84 7.58 30.34
N MET A 502 -14.60 8.02 30.16
CA MET A 502 -14.24 9.41 30.45
C MET A 502 -14.45 10.28 29.21
N MET A 503 -15.69 10.26 28.72
CA MET A 503 -16.11 11.02 27.51
C MET A 503 -17.57 11.46 27.69
N ARG A 504 -17.85 12.71 27.31
CA ARG A 504 -19.21 13.32 27.42
C ARG A 504 -19.52 14.14 26.17
N PRO A 505 -20.81 14.21 25.75
CA PRO A 505 -21.22 15.06 24.65
C PRO A 505 -21.14 16.56 25.00
N MET A 506 -20.94 17.40 23.98
CA MET A 506 -20.83 18.84 24.11
C MET A 506 -21.71 19.47 23.03
N ASP A 507 -22.84 20.05 23.45
CA ASP A 507 -23.79 20.70 22.51
C ASP A 507 -23.43 22.19 22.37
N ILE A 508 -23.26 22.66 21.13
CA ILE A 508 -22.91 24.08 20.86
C ILE A 508 -24.16 24.82 20.35
N ILE A 509 -25.04 25.22 21.26
CA ILE A 509 -26.29 25.94 20.88
C ILE A 509 -25.98 27.43 20.74
N ASN B 2 -18.62 5.78 -21.28
CA ASN B 2 -17.50 5.00 -20.70
C ASN B 2 -16.52 5.96 -19.99
N LEU B 3 -15.41 5.43 -19.50
CA LEU B 3 -14.42 6.25 -18.74
C LEU B 3 -13.63 7.17 -19.67
N GLU B 4 -13.47 8.44 -19.25
CA GLU B 4 -12.70 9.46 -19.96
C GLU B 4 -11.22 9.08 -19.92
N LYS B 5 -10.56 9.16 -21.08
CA LYS B 5 -9.17 8.73 -21.23
C LYS B 5 -8.17 9.83 -20.83
N PHE B 6 -6.99 9.40 -20.37
CA PHE B 6 -5.81 10.24 -20.19
C PHE B 6 -5.99 11.33 -19.13
N VAL B 7 -6.56 10.92 -17.99
CA VAL B 7 -6.82 11.79 -16.84
C VAL B 7 -5.99 11.43 -15.61
N ASP B 8 -5.59 10.15 -15.52
CA ASP B 8 -4.84 9.61 -14.39
C ASP B 8 -3.36 9.50 -14.76
N GLU B 9 -2.49 9.87 -13.81
CA GLU B 9 -1.05 9.90 -14.02
C GLU B 9 -0.48 8.50 -13.87
N LEU B 10 0.23 8.03 -14.90
CA LEU B 10 0.89 6.73 -14.93
C LEU B 10 1.75 6.57 -13.68
N PRO B 11 1.49 5.56 -12.83
CA PRO B 11 2.32 5.29 -11.65
C PRO B 11 3.58 4.48 -12.00
N ILE B 12 4.75 4.95 -11.58
CA ILE B 12 6.00 4.20 -11.69
C ILE B 12 6.01 3.24 -10.50
N PRO B 13 5.96 1.91 -10.72
CA PRO B 13 5.90 0.96 -9.61
C PRO B 13 7.16 1.06 -8.73
N GLU B 14 6.97 1.11 -7.41
CA GLU B 14 8.07 1.26 -6.46
C GLU B 14 9.04 0.08 -6.53
N VAL B 15 10.34 0.40 -6.45
CA VAL B 15 11.38 -0.60 -6.36
C VAL B 15 11.26 -1.30 -5.02
N ALA B 16 11.36 -2.64 -5.04
CA ALA B 16 11.24 -3.46 -3.83
C ALA B 16 12.44 -3.20 -2.92
N GLU B 17 12.17 -3.06 -1.62
CA GLU B 17 13.20 -2.86 -0.61
C GLU B 17 13.58 -4.20 -0.01
N PRO B 18 14.86 -4.62 -0.05
CA PRO B 18 15.28 -5.86 0.61
C PRO B 18 15.16 -5.80 2.13
N VAL B 19 14.53 -6.82 2.73
CA VAL B 19 14.42 -6.89 4.22
C VAL B 19 15.85 -6.84 4.75
N LYS B 20 16.70 -7.77 4.25
CA LYS B 20 18.12 -7.75 4.58
C LYS B 20 18.95 -7.92 3.32
N LYS B 21 20.18 -7.39 3.33
CA LYS B 21 21.10 -7.51 2.21
C LYS B 21 22.56 -7.51 2.66
N ASN B 22 23.38 -8.31 1.99
CA ASN B 22 24.83 -8.36 2.20
C ASN B 22 25.50 -8.85 0.92
N PRO B 23 26.85 -8.92 0.86
CA PRO B 23 27.55 -9.39 -0.34
C PRO B 23 27.12 -10.78 -0.82
N ARG B 24 26.84 -11.71 0.12
CA ARG B 24 26.55 -13.14 -0.17
C ARG B 24 25.13 -13.28 -0.74
N GLN B 25 24.17 -12.48 -0.26
CA GLN B 25 22.77 -12.57 -0.72
C GLN B 25 21.91 -11.34 -0.36
N THR B 26 20.73 -11.27 -0.99
CA THR B 26 19.76 -10.20 -0.81
C THR B 26 18.38 -10.84 -0.59
N TYR B 27 17.82 -10.65 0.61
CA TYR B 27 16.57 -11.31 1.08
C TYR B 27 15.39 -10.32 1.06
N TYR B 28 14.29 -10.73 0.42
CA TYR B 28 13.00 -9.99 0.34
C TYR B 28 11.89 -10.82 0.98
N GLU B 29 10.87 -10.14 1.52
CA GLU B 29 9.65 -10.78 2.03
C GLU B 29 8.45 -10.09 1.37
N ILE B 30 7.86 -10.76 0.38
CA ILE B 30 6.73 -10.21 -0.36
C ILE B 30 5.47 -11.00 -0.04
N ALA B 31 4.47 -10.30 0.50
CA ALA B 31 3.20 -10.89 0.89
C ALA B 31 2.13 -10.54 -0.12
N MET B 32 1.28 -11.52 -0.44
CA MET B 32 0.13 -11.34 -1.29
C MET B 32 -1.04 -10.95 -0.40
N GLU B 33 -1.69 -9.82 -0.72
CA GLU B 33 -2.82 -9.28 0.05
C GLU B 33 -3.96 -8.82 -0.85
N GLU B 34 -5.18 -8.83 -0.30
CA GLU B 34 -6.34 -8.20 -0.94
C GLU B 34 -6.40 -6.76 -0.46
N VAL B 35 -6.46 -5.83 -1.41
CA VAL B 35 -6.55 -4.39 -1.13
C VAL B 35 -7.50 -3.72 -2.11
N PHE B 36 -7.86 -2.46 -1.80
CA PHE B 36 -8.77 -1.67 -2.62
C PHE B 36 -8.00 -0.49 -3.19
N LEU B 37 -7.85 -0.47 -4.51
CA LEU B 37 -7.02 0.54 -5.17
C LEU B 37 -7.81 1.32 -6.21
N LYS B 38 -7.44 2.60 -6.35
CA LYS B 38 -8.01 3.50 -7.34
C LYS B 38 -7.44 3.12 -8.70
N VAL B 39 -8.33 2.67 -9.59
CA VAL B 39 -7.93 2.27 -10.98
C VAL B 39 -8.10 3.47 -11.91
N HIS B 40 -9.17 4.23 -11.69
CA HIS B 40 -9.53 5.43 -12.48
C HIS B 40 -10.34 6.37 -11.59
N ARG B 41 -10.14 7.68 -11.73
CA ARG B 41 -10.84 8.69 -10.87
C ARG B 41 -12.30 8.88 -11.31
N ASP B 42 -12.85 7.97 -12.13
CA ASP B 42 -14.27 8.10 -12.55
C ASP B 42 -15.07 6.88 -12.07
N LEU B 43 -14.48 6.09 -11.16
CA LEU B 43 -15.14 4.87 -10.62
C LEU B 43 -14.79 4.73 -9.13
N PRO B 44 -15.41 3.80 -8.38
CA PRO B 44 -15.13 3.62 -6.97
C PRO B 44 -13.94 2.67 -6.71
N PRO B 45 -13.68 2.26 -5.45
CA PRO B 45 -12.57 1.35 -5.14
C PRO B 45 -12.67 0.03 -5.91
N THR B 46 -11.52 -0.50 -6.36
CA THR B 46 -11.48 -1.76 -7.13
C THR B 46 -10.75 -2.85 -6.33
N LYS B 47 -11.52 -3.75 -5.70
CA LYS B 47 -10.96 -4.84 -4.92
C LYS B 47 -10.03 -5.63 -5.82
N LEU B 48 -8.77 -5.75 -5.39
CA LEU B 48 -7.73 -6.45 -6.14
C LEU B 48 -6.91 -7.32 -5.20
N TRP B 49 -6.33 -8.39 -5.76
CA TRP B 49 -5.32 -9.17 -5.09
C TRP B 49 -3.99 -8.74 -5.67
N THR B 50 -3.04 -8.39 -4.79
CA THR B 50 -1.79 -7.77 -5.20
C THR B 50 -0.62 -8.21 -4.32
N TYR B 51 0.60 -8.03 -4.83
CA TYR B 51 1.87 -8.20 -4.10
C TYR B 51 2.17 -6.90 -3.34
N ASN B 52 2.50 -7.02 -2.05
CA ASN B 52 2.73 -5.89 -1.14
C ASN B 52 1.83 -4.67 -1.38
N GLY B 53 0.53 -4.94 -1.62
CA GLY B 53 -0.48 -3.92 -1.74
C GLY B 53 -0.38 -2.98 -2.94
N SER B 54 0.31 -3.43 -4.00
CA SER B 54 0.49 -2.59 -5.21
C SER B 54 0.24 -3.36 -6.51
N LEU B 55 -0.36 -2.66 -7.48
CA LEU B 55 -0.62 -3.17 -8.83
C LEU B 55 0.01 -2.21 -9.83
N PRO B 56 1.10 -2.59 -10.55
CA PRO B 56 1.75 -3.90 -10.38
C PRO B 56 2.52 -4.00 -9.06
N GLY B 57 2.94 -5.23 -8.71
CA GLY B 57 3.71 -5.50 -7.51
C GLY B 57 5.05 -4.76 -7.48
N PRO B 58 5.76 -4.75 -6.34
CA PRO B 58 7.04 -4.06 -6.23
C PRO B 58 8.06 -4.51 -7.30
N THR B 59 8.55 -3.58 -8.11
CA THR B 59 9.55 -3.87 -9.13
C THR B 59 10.87 -4.24 -8.46
N ILE B 60 11.29 -5.51 -8.64
CA ILE B 60 12.52 -6.02 -8.01
C ILE B 60 13.74 -5.81 -8.91
N HIS B 61 14.70 -5.01 -8.42
CA HIS B 61 15.95 -4.73 -9.12
C HIS B 61 17.03 -5.72 -8.67
N ALA B 62 17.52 -6.51 -9.62
CA ALA B 62 18.55 -7.51 -9.37
C ALA B 62 19.71 -7.34 -10.35
N ASN B 63 20.89 -7.78 -9.92
CA ASN B 63 22.11 -7.72 -10.75
C ASN B 63 22.57 -9.15 -11.08
N ARG B 64 23.20 -9.32 -12.23
CA ARG B 64 23.73 -10.63 -12.72
C ARG B 64 24.51 -11.28 -11.58
N ASN B 65 24.15 -12.52 -11.23
CA ASN B 65 24.79 -13.29 -10.15
C ASN B 65 24.61 -12.68 -8.77
N GLU B 66 23.48 -11.99 -8.55
CA GLU B 66 23.04 -11.58 -7.23
C GLU B 66 22.13 -12.69 -6.71
N LYS B 67 22.44 -13.19 -5.50
CA LYS B 67 21.66 -14.27 -4.88
C LYS B 67 20.43 -13.64 -4.25
N VAL B 68 19.38 -13.52 -5.06
CA VAL B 68 18.12 -12.89 -4.63
C VAL B 68 17.24 -13.97 -4.01
N LYS B 69 17.09 -13.95 -2.68
CA LYS B 69 16.13 -14.79 -1.98
C LYS B 69 14.84 -14.02 -1.76
N VAL B 70 13.70 -14.66 -2.05
CA VAL B 70 12.38 -14.07 -1.87
C VAL B 70 11.45 -15.03 -1.14
N LYS B 71 10.90 -14.56 -0.01
CA LYS B 71 9.81 -15.27 0.66
C LYS B 71 8.47 -14.74 0.16
N TRP B 72 7.84 -15.50 -0.73
CA TRP B 72 6.50 -15.22 -1.23
C TRP B 72 5.49 -15.79 -0.23
N MET B 73 4.72 -14.90 0.40
CA MET B 73 3.73 -15.27 1.42
C MET B 73 2.30 -15.11 0.93
N ASN B 74 1.41 -15.99 1.39
CA ASN B 74 -0.01 -15.93 1.07
C ASN B 74 -0.78 -15.35 2.25
N LYS B 75 -1.27 -14.12 2.08
CA LYS B 75 -2.14 -13.47 3.06
C LYS B 75 -3.45 -13.08 2.37
N LEU B 76 -4.02 -14.04 1.63
CA LEU B 76 -5.26 -13.85 0.88
C LEU B 76 -6.46 -14.40 1.66
N PRO B 77 -7.69 -13.99 1.31
CA PRO B 77 -8.89 -14.65 1.83
C PRO B 77 -8.91 -16.12 1.36
N LEU B 78 -9.59 -16.98 2.12
CA LEU B 78 -9.65 -18.44 1.81
C LEU B 78 -10.45 -18.65 0.52
N LYS B 79 -11.50 -17.86 0.31
CA LYS B 79 -12.34 -17.98 -0.87
C LYS B 79 -12.03 -16.87 -1.88
N HIS B 80 -12.25 -17.18 -3.16
CA HIS B 80 -11.90 -16.32 -4.28
C HIS B 80 -13.08 -15.41 -4.63
N PHE B 81 -12.78 -14.20 -5.11
CA PHE B 81 -13.81 -13.20 -5.45
C PHE B 81 -14.21 -13.20 -6.93
N LEU B 82 -13.42 -13.89 -7.76
CA LEU B 82 -13.75 -14.13 -9.17
C LEU B 82 -14.36 -15.53 -9.34
N PRO B 83 -15.07 -15.80 -10.47
CA PRO B 83 -15.71 -17.10 -10.68
C PRO B 83 -14.71 -18.27 -10.76
N VAL B 84 -14.91 -19.29 -9.92
CA VAL B 84 -14.07 -20.49 -9.89
C VAL B 84 -14.90 -21.69 -10.36
N ASP B 85 -14.59 -22.22 -11.54
CA ASP B 85 -15.38 -23.25 -12.22
C ASP B 85 -15.41 -24.62 -11.51
N HIS B 86 -14.23 -25.14 -11.19
CA HIS B 86 -14.02 -26.39 -10.47
C HIS B 86 -14.25 -27.65 -11.30
N THR B 87 -14.71 -27.46 -12.53
CA THR B 87 -14.92 -28.58 -13.50
C THR B 87 -13.76 -28.55 -14.50
N ILE B 88 -12.56 -28.23 -14.01
CA ILE B 88 -11.35 -28.10 -14.82
C ILE B 88 -10.28 -29.12 -14.41
N HIS B 89 -10.06 -29.21 -13.11
CA HIS B 89 -9.02 -30.10 -12.53
C HIS B 89 -9.48 -31.47 -12.03
N GLY B 91 -10.13 -34.33 -9.57
CA GLY B 91 -10.12 -34.52 -8.10
C GLY B 91 -11.06 -33.59 -7.37
N HIS B 92 -12.22 -34.07 -6.92
CA HIS B 92 -13.19 -33.17 -6.25
C HIS B 92 -12.97 -33.18 -4.74
N HIS B 93 -11.82 -33.69 -4.28
CA HIS B 93 -11.50 -33.71 -2.83
C HIS B 93 -11.04 -32.31 -2.41
N ASP B 94 -11.87 -31.29 -2.64
CA ASP B 94 -11.53 -29.88 -2.28
C ASP B 94 -11.02 -29.79 -0.84
N GLU B 95 -9.70 -29.76 -0.62
CA GLU B 95 -8.64 -28.92 -1.27
C GLU B 95 -8.96 -27.42 -1.25
N PRO B 96 -8.13 -26.59 -0.58
CA PRO B 96 -8.32 -25.12 -0.51
C PRO B 96 -8.62 -24.47 -1.87
N GLU B 97 -9.55 -23.52 -1.90
CA GLU B 97 -9.96 -22.89 -3.14
C GLU B 97 -8.88 -21.93 -3.60
N VAL B 98 -8.32 -21.19 -2.64
CA VAL B 98 -7.28 -20.14 -2.93
C VAL B 98 -5.87 -20.74 -2.84
N LYS B 99 -5.32 -21.16 -3.99
CA LYS B 99 -3.95 -21.65 -4.08
C LYS B 99 -3.11 -20.58 -4.75
N THR B 100 -1.87 -20.45 -4.32
CA THR B 100 -0.96 -19.46 -4.95
C THR B 100 0.47 -19.96 -4.95
N VAL B 101 1.17 -19.71 -6.05
CA VAL B 101 2.59 -19.98 -6.21
C VAL B 101 3.14 -18.98 -7.24
N VAL B 102 4.29 -18.37 -6.92
CA VAL B 102 4.88 -17.32 -7.73
C VAL B 102 5.93 -17.89 -8.67
N HIS B 103 5.77 -17.61 -9.97
CA HIS B 103 6.75 -17.95 -10.99
C HIS B 103 7.38 -16.68 -11.54
N LEU B 104 8.72 -16.70 -11.64
CA LEU B 104 9.48 -15.64 -12.27
C LEU B 104 9.65 -15.98 -13.75
N HIS B 105 8.70 -15.46 -14.55
CA HIS B 105 8.68 -15.68 -16.02
C HIS B 105 10.01 -15.24 -16.64
N GLY B 106 10.67 -16.17 -17.34
CA GLY B 106 11.93 -15.91 -17.99
C GLY B 106 13.15 -16.04 -17.08
N GLY B 107 12.94 -16.58 -15.87
CA GLY B 107 13.99 -16.72 -14.88
C GLY B 107 14.79 -18.01 -15.04
N VAL B 108 16.12 -17.89 -14.94
CA VAL B 108 17.03 -19.03 -14.86
C VAL B 108 17.09 -19.49 -13.40
N THR B 109 16.14 -20.33 -12.98
CA THR B 109 16.18 -20.76 -11.56
C THR B 109 16.10 -22.28 -11.45
N PRO B 110 16.44 -22.86 -10.28
CA PRO B 110 16.33 -24.31 -10.04
C PRO B 110 14.82 -24.61 -9.93
N ALA B 111 14.40 -25.81 -10.37
CA ALA B 111 13.00 -26.22 -10.40
C ALA B 111 12.43 -25.88 -9.02
N SER B 112 13.23 -26.15 -7.97
CA SER B 112 12.86 -25.91 -6.54
C SER B 112 12.22 -24.53 -6.35
N SER B 113 12.75 -23.49 -7.00
CA SER B 113 12.26 -22.10 -6.84
C SER B 113 11.65 -21.53 -8.11
N ASP B 114 11.26 -22.37 -9.05
CA ASP B 114 10.68 -21.93 -10.32
C ASP B 114 9.18 -21.64 -10.24
N GLY B 115 8.53 -22.15 -9.19
CA GLY B 115 7.10 -21.97 -8.97
C GLY B 115 6.29 -22.89 -9.86
N TYR B 116 6.40 -24.19 -9.59
CA TYR B 116 5.66 -25.28 -10.28
C TYR B 116 4.18 -25.13 -10.01
N PRO B 117 3.27 -25.35 -10.99
CA PRO B 117 1.84 -25.13 -10.79
C PRO B 117 1.25 -25.93 -9.62
N GLU B 118 1.82 -27.11 -9.34
CA GLU B 118 1.42 -27.98 -8.24
C GLU B 118 2.30 -27.85 -6.99
N ALA B 119 3.09 -26.77 -6.93
CA ALA B 119 3.85 -26.40 -5.73
C ALA B 119 3.17 -25.23 -5.02
N TRP B 120 1.83 -25.21 -5.07
CA TRP B 120 1.00 -24.13 -4.56
C TRP B 120 0.88 -24.15 -3.05
N PHE B 121 0.35 -23.06 -2.49
CA PHE B 121 0.13 -22.92 -1.05
C PHE B 121 -1.05 -21.97 -0.73
N SER B 122 -1.80 -22.34 0.31
CA SER B 122 -2.87 -21.52 0.87
C SER B 122 -2.26 -20.58 1.90
N ARG B 123 -3.11 -19.71 2.49
CA ARG B 123 -2.74 -18.67 3.49
C ARG B 123 -1.72 -19.19 4.51
N ASP B 124 -0.59 -18.49 4.66
CA ASP B 124 0.49 -18.87 5.58
C ASP B 124 0.88 -20.36 5.53
N PHE B 125 0.85 -20.92 4.32
CA PHE B 125 1.24 -22.31 4.06
C PHE B 125 0.52 -23.33 4.93
N GLU B 126 -0.76 -23.06 5.25
CA GLU B 126 -1.57 -23.96 6.07
C GLU B 126 -1.79 -25.28 5.35
N ALA B 127 -1.91 -25.21 4.01
CA ALA B 127 -2.10 -26.36 3.15
C ALA B 127 -1.38 -26.14 1.81
N THR B 128 -0.63 -27.17 1.38
CA THR B 128 0.30 -27.09 0.24
C THR B 128 -0.06 -28.09 -0.85
N GLY B 129 0.52 -27.89 -2.03
CA GLY B 129 0.36 -28.77 -3.17
C GLY B 129 1.36 -29.92 -3.19
N PRO B 130 1.11 -30.98 -3.99
CA PRO B 130 1.94 -32.19 -3.97
C PRO B 130 3.44 -31.93 -4.20
N PHE B 131 3.76 -30.93 -5.03
CA PHE B 131 5.15 -30.60 -5.40
C PHE B 131 5.71 -29.40 -4.61
N PHE B 132 5.07 -29.04 -3.50
CA PHE B 132 5.57 -28.00 -2.61
C PHE B 132 6.82 -28.49 -1.90
N GLU B 133 7.78 -27.58 -1.68
CA GLU B 133 9.08 -27.93 -1.15
C GLU B 133 9.55 -26.97 -0.07
N ARG B 134 9.65 -25.69 -0.42
CA ARG B 134 10.23 -24.60 0.43
C ARG B 134 9.36 -23.35 0.38
N GLU B 135 9.52 -22.46 1.35
CA GLU B 135 8.79 -21.20 1.44
C GLU B 135 9.57 -20.06 0.79
N VAL B 136 10.88 -20.01 1.08
CA VAL B 136 11.79 -18.97 0.57
C VAL B 136 12.47 -19.45 -0.72
N TYR B 137 12.06 -18.87 -1.85
CA TYR B 137 12.57 -19.18 -3.22
C TYR B 137 13.92 -18.50 -3.42
N GLU B 138 14.87 -19.20 -4.05
CA GLU B 138 16.20 -18.67 -4.38
C GLU B 138 16.30 -18.38 -5.87
N TYR B 139 16.88 -17.23 -6.19
CA TYR B 139 17.09 -16.72 -7.57
C TYR B 139 18.56 -16.34 -7.75
N PRO B 140 19.41 -17.27 -8.24
CA PRO B 140 20.84 -17.00 -8.42
C PRO B 140 21.15 -16.01 -9.55
N ASN B 141 20.24 -15.90 -10.53
CA ASN B 141 20.34 -14.92 -11.61
C ASN B 141 21.59 -15.07 -12.48
N HIS B 142 21.83 -16.30 -12.94
CA HIS B 142 22.97 -16.59 -13.85
C HIS B 142 22.47 -16.40 -15.28
N GLN B 143 22.23 -15.15 -15.66
CA GLN B 143 21.67 -14.81 -16.97
C GLN B 143 21.92 -13.35 -17.38
N GLN B 144 21.67 -13.07 -18.67
CA GLN B 144 21.90 -11.76 -19.28
C GLN B 144 20.95 -10.69 -18.73
N ALA B 145 21.33 -9.42 -18.92
CA ALA B 145 20.51 -8.25 -18.59
C ALA B 145 19.21 -8.29 -19.37
N CYS B 146 18.08 -8.22 -18.66
CA CYS B 146 16.76 -8.38 -19.26
C CYS B 146 15.64 -8.02 -18.29
N THR B 147 14.43 -7.86 -18.84
CA THR B 147 13.24 -7.50 -18.03
C THR B 147 12.39 -8.74 -17.76
N LEU B 148 12.44 -9.26 -16.53
CA LEU B 148 11.65 -10.47 -16.14
C LEU B 148 10.47 -10.03 -15.27
N TRP B 149 9.37 -10.78 -15.30
CA TRP B 149 8.20 -10.45 -14.53
C TRP B 149 7.72 -11.68 -13.81
N TYR B 150 7.30 -11.49 -12.55
CA TYR B 150 6.82 -12.57 -11.64
C TYR B 150 5.30 -12.50 -11.56
N HIS B 151 4.65 -13.67 -11.62
CA HIS B 151 3.20 -13.77 -11.57
C HIS B 151 2.78 -15.11 -10.97
N ASP B 152 1.52 -15.19 -10.52
CA ASP B 152 0.98 -16.42 -9.99
C ASP B 152 0.83 -17.45 -11.08
N HIS B 153 1.04 -18.72 -10.73
CA HIS B 153 1.00 -19.85 -11.66
C HIS B 153 0.19 -21.01 -11.11
N ALA B 154 -0.70 -20.73 -10.13
CA ALA B 154 -1.39 -21.77 -9.37
C ALA B 154 -2.20 -22.68 -10.31
N MET B 155 -2.08 -23.99 -10.13
CA MET B 155 -2.77 -24.98 -10.99
C MET B 155 -4.25 -24.68 -11.16
N ALA B 156 -4.66 -24.43 -12.40
CA ALA B 156 -6.06 -24.16 -12.81
C ALA B 156 -6.64 -22.86 -12.26
N LEU B 157 -5.82 -22.00 -11.65
CA LEU B 157 -6.30 -20.72 -11.13
C LEU B 157 -5.57 -19.52 -11.74
N THR B 158 -4.60 -19.79 -12.62
CA THR B 158 -3.65 -18.79 -13.10
C THR B 158 -4.36 -17.60 -13.75
N ARG B 159 -5.34 -17.87 -14.61
CA ARG B 159 -6.15 -16.84 -15.33
C ARG B 159 -6.76 -15.87 -14.30
N LEU B 160 -7.31 -16.42 -13.21
CA LEU B 160 -8.04 -15.64 -12.22
C LEU B 160 -7.10 -14.87 -11.30
N ASN B 161 -6.09 -15.57 -10.76
CA ASN B 161 -5.13 -14.98 -9.83
C ASN B 161 -4.29 -13.87 -10.47
N VAL B 162 -3.95 -14.05 -11.75
CA VAL B 162 -3.26 -13.03 -12.54
C VAL B 162 -4.20 -11.87 -12.85
N TYR B 163 -5.41 -12.17 -13.33
CA TYR B 163 -6.45 -11.16 -13.64
C TYR B 163 -6.74 -10.31 -12.40
N ALA B 164 -6.73 -10.94 -11.22
CA ALA B 164 -6.98 -10.27 -9.93
C ALA B 164 -5.86 -9.29 -9.56
N GLY B 165 -4.76 -9.30 -10.32
CA GLY B 165 -3.68 -8.32 -10.09
C GLY B 165 -2.39 -8.91 -9.56
N LEU B 166 -2.28 -10.21 -9.44
CA LEU B 166 -1.03 -10.78 -8.90
C LEU B 166 0.03 -10.77 -9.99
N ALA B 167 0.77 -9.67 -10.14
CA ALA B 167 1.81 -9.56 -11.19
C ALA B 167 2.77 -8.42 -10.87
N GLY B 168 4.06 -8.58 -11.18
CA GLY B 168 5.06 -7.55 -10.92
C GLY B 168 6.31 -7.69 -11.76
N PHE B 169 7.11 -6.61 -11.81
CA PHE B 169 8.33 -6.57 -12.60
C PHE B 169 9.56 -7.08 -11.82
N TYR B 170 10.48 -7.72 -12.55
CA TYR B 170 11.76 -8.27 -12.04
C TYR B 170 12.87 -7.97 -13.06
N LEU B 171 13.59 -6.86 -12.85
CA LEU B 171 14.60 -6.39 -13.82
C LEU B 171 15.98 -6.89 -13.38
N ILE B 172 16.71 -7.51 -14.32
CA ILE B 172 18.08 -8.03 -14.07
C ILE B 172 19.06 -7.11 -14.82
N SER B 173 20.00 -6.50 -14.08
CA SER B 173 20.97 -5.57 -14.67
C SER B 173 22.30 -6.29 -14.86
N ASP B 174 23.07 -5.86 -15.85
CA ASP B 174 24.33 -6.56 -16.19
C ASP B 174 25.43 -5.57 -16.55
N ALA B 175 26.63 -5.83 -16.05
CA ALA B 175 27.82 -5.03 -16.31
C ALA B 175 27.93 -4.67 -17.80
N PHE B 176 27.44 -5.54 -18.68
CA PHE B 176 27.36 -5.20 -20.10
C PHE B 176 26.39 -4.04 -20.25
N GLU B 177 25.16 -4.24 -19.76
CA GLU B 177 24.05 -3.26 -19.89
C GLU B 177 24.51 -1.82 -19.58
N LYS B 178 25.31 -1.65 -18.52
CA LYS B 178 25.76 -0.30 -18.09
C LYS B 178 26.59 0.45 -19.11
N SER B 179 27.16 -0.28 -20.05
CA SER B 179 28.03 0.30 -21.07
C SER B 179 27.27 0.88 -22.26
N LEU B 180 25.97 0.62 -22.32
CA LEU B 180 25.15 0.95 -23.52
C LEU B 180 24.69 2.42 -23.58
N GLU B 181 25.06 3.25 -22.61
CA GLU B 181 24.70 4.67 -22.55
C GLU B 181 23.25 4.92 -23.00
N LEU B 182 22.31 4.23 -22.34
CA LEU B 182 20.88 4.36 -22.59
C LEU B 182 20.26 5.27 -21.53
N PRO B 183 19.00 5.71 -21.71
CA PRO B 183 18.27 6.39 -20.63
C PRO B 183 18.14 5.50 -19.39
N LYS B 184 18.38 6.07 -18.21
CA LYS B 184 18.42 5.34 -16.94
C LYS B 184 17.58 6.06 -15.90
N ASP B 185 17.50 5.48 -14.71
CA ASP B 185 16.86 6.11 -13.55
C ASP B 185 15.47 6.64 -13.93
N GLU B 186 15.25 7.95 -13.81
CA GLU B 186 13.92 8.59 -14.06
C GLU B 186 13.38 8.36 -15.48
N TYR B 187 14.24 7.95 -16.41
CA TYR B 187 13.88 7.72 -17.84
C TYR B 187 13.99 6.23 -18.21
N ASP B 188 13.93 5.35 -17.20
CA ASP B 188 13.88 3.90 -17.40
C ASP B 188 12.61 3.37 -16.72
N ILE B 189 11.51 3.34 -17.49
CA ILE B 189 10.16 3.09 -16.96
C ILE B 189 9.59 1.75 -17.40
N PRO B 190 9.25 0.85 -16.45
CA PRO B 190 8.44 -0.35 -16.75
C PRO B 190 6.97 -0.03 -17.09
N LEU B 191 6.45 -0.65 -18.15
CA LEU B 191 5.06 -0.48 -18.58
C LEU B 191 4.35 -1.84 -18.70
N MET B 192 3.54 -2.19 -17.70
CA MET B 192 2.73 -3.40 -17.70
C MET B 192 1.34 -3.11 -18.25
N ILE B 193 1.10 -3.53 -19.49
CA ILE B 193 -0.17 -3.32 -20.17
C ILE B 193 -1.10 -4.50 -19.90
N MET B 194 -2.30 -4.20 -19.38
CA MET B 194 -3.31 -5.21 -19.04
C MET B 194 -4.69 -4.75 -19.51
N ASP B 195 -5.48 -5.67 -20.05
CA ASP B 195 -6.89 -5.39 -20.37
C ASP B 195 -7.79 -5.92 -19.27
N ARG B 196 -8.81 -5.13 -18.90
CA ARG B 196 -9.73 -5.41 -17.77
C ARG B 196 -11.14 -4.93 -18.10
N THR B 197 -12.13 -5.40 -17.33
CA THR B 197 -13.50 -4.90 -17.37
C THR B 197 -13.98 -4.62 -15.94
N PHE B 198 -14.59 -3.44 -15.74
CA PHE B 198 -15.11 -3.03 -14.44
C PHE B 198 -16.61 -2.77 -14.52
N GLN B 199 -17.30 -3.00 -13.40
CA GLN B 199 -18.71 -2.68 -13.26
C GLN B 199 -18.86 -1.26 -12.72
N GLU B 200 -20.08 -0.71 -12.79
CA GLU B 200 -20.40 0.62 -12.30
C GLU B 200 -19.92 0.86 -10.86
N ASP B 201 -20.06 -0.18 -10.02
CA ASP B 201 -19.65 -0.14 -8.61
C ASP B 201 -18.13 -0.16 -8.40
N GLY B 202 -17.37 -0.13 -9.49
CA GLY B 202 -15.92 -0.11 -9.48
C GLY B 202 -15.26 -1.45 -9.21
N ALA B 203 -16.06 -2.52 -9.19
CA ALA B 203 -15.57 -3.87 -8.94
C ALA B 203 -15.17 -4.52 -10.26
N LEU B 204 -14.25 -5.50 -10.17
CA LEU B 204 -13.82 -6.28 -11.33
C LEU B 204 -14.95 -7.12 -11.89
N PHE B 205 -14.90 -7.35 -13.21
CA PHE B 205 -15.81 -8.27 -13.90
C PHE B 205 -14.98 -9.26 -14.69
N TYR B 206 -15.26 -10.55 -14.46
CA TYR B 206 -14.67 -11.69 -15.21
C TYR B 206 -15.82 -12.65 -15.55
N PRO B 207 -16.04 -13.00 -16.82
CA PRO B 207 -17.14 -13.82 -17.26
C PRO B 207 -17.43 -15.06 -16.44
N SER B 208 -18.71 -15.31 -16.18
CA SER B 208 -19.14 -16.51 -15.45
C SER B 208 -19.34 -17.62 -16.48
N ARG B 209 -19.71 -17.25 -17.70
CA ARG B 209 -19.94 -18.25 -18.78
C ARG B 209 -19.42 -17.70 -20.11
N PRO B 210 -19.23 -18.54 -21.15
CA PRO B 210 -18.92 -18.05 -22.50
C PRO B 210 -20.11 -17.21 -22.97
N ASN B 211 -19.86 -16.37 -23.99
CA ASN B 211 -20.86 -15.41 -24.56
C ASN B 211 -22.17 -16.07 -24.99
N ASN B 212 -22.13 -16.88 -26.07
CA ASN B 212 -23.34 -17.60 -26.60
C ASN B 212 -24.12 -18.30 -25.48
N THR B 213 -23.52 -19.33 -24.87
CA THR B 213 -24.08 -20.13 -23.73
C THR B 213 -25.60 -20.34 -23.81
N PRO B 214 -26.11 -21.28 -24.64
CA PRO B 214 -27.56 -21.54 -24.73
C PRO B 214 -28.19 -21.99 -23.41
N GLU B 215 -29.24 -21.28 -22.97
CA GLU B 215 -29.98 -21.54 -21.72
C GLU B 215 -28.99 -21.79 -20.57
N ASP B 216 -29.28 -22.84 -19.80
CA ASP B 216 -28.40 -23.33 -18.72
C ASP B 216 -28.14 -24.79 -19.11
N SER B 217 -28.44 -25.07 -20.39
CA SER B 217 -28.35 -26.41 -20.94
C SER B 217 -26.94 -26.98 -20.91
N ASP B 218 -26.77 -28.14 -20.26
CA ASP B 218 -25.51 -28.85 -20.15
C ASP B 218 -24.44 -28.21 -19.23
N LEU B 219 -24.10 -26.95 -19.52
CA LEU B 219 -22.95 -26.23 -18.96
C LEU B 219 -22.95 -26.14 -17.44
N PRO B 220 -21.76 -26.07 -16.79
CA PRO B 220 -21.65 -25.68 -15.38
C PRO B 220 -21.71 -24.16 -15.19
N ASP B 221 -21.88 -23.73 -13.94
CA ASP B 221 -21.93 -22.28 -13.58
C ASP B 221 -21.24 -22.09 -12.23
N PRO B 222 -20.04 -21.46 -12.18
CA PRO B 222 -19.48 -20.73 -13.32
C PRO B 222 -18.68 -21.64 -14.27
N SER B 223 -18.54 -21.22 -15.53
CA SER B 223 -17.80 -21.96 -16.55
C SER B 223 -16.57 -21.18 -16.99
N ILE B 224 -15.51 -21.91 -17.32
CA ILE B 224 -14.32 -21.36 -17.96
C ILE B 224 -14.71 -20.86 -19.36
N VAL B 225 -14.08 -19.75 -19.78
CA VAL B 225 -14.29 -19.17 -21.10
C VAL B 225 -13.05 -19.48 -21.95
N PRO B 226 -13.21 -19.72 -23.26
CA PRO B 226 -12.07 -19.99 -24.15
C PRO B 226 -11.11 -18.79 -24.28
N PHE B 227 -11.59 -17.57 -24.02
CA PHE B 227 -10.77 -16.37 -24.04
C PHE B 227 -11.45 -15.25 -23.26
N PHE B 228 -10.71 -14.18 -22.99
CA PHE B 228 -11.30 -13.03 -22.28
C PHE B 228 -10.70 -11.74 -22.85
N CYS B 229 -11.55 -10.87 -23.40
CA CYS B 229 -11.11 -9.56 -23.96
C CYS B 229 -11.75 -8.44 -23.14
N GLY B 230 -10.92 -7.61 -22.52
CA GLY B 230 -11.35 -6.56 -21.63
C GLY B 230 -11.81 -5.30 -22.35
N GLU B 231 -12.78 -4.61 -21.74
CA GLU B 231 -13.35 -3.39 -22.29
C GLU B 231 -12.37 -2.23 -22.22
N THR B 232 -11.71 -2.10 -21.06
CA THR B 232 -10.76 -1.01 -20.81
C THR B 232 -9.32 -1.52 -20.74
N ILE B 233 -8.37 -0.62 -21.02
CA ILE B 233 -6.94 -0.91 -20.98
C ILE B 233 -6.26 -0.11 -19.88
N LEU B 234 -5.53 -0.83 -19.01
CA LEU B 234 -4.73 -0.27 -17.94
C LEU B 234 -3.26 -0.40 -18.28
N VAL B 235 -2.49 0.65 -17.96
CA VAL B 235 -1.03 0.60 -17.95
C VAL B 235 -0.59 0.76 -16.51
N ASN B 236 0.42 -0.04 -16.13
CA ASN B 236 0.81 -0.24 -14.75
C ASN B 236 -0.45 -0.35 -13.87
N GLY B 237 -0.73 0.70 -13.09
CA GLY B 237 -1.87 0.72 -12.19
C GLY B 237 -3.17 1.12 -12.86
N LYS B 238 -3.12 2.17 -13.68
CA LYS B 238 -4.30 2.97 -14.01
C LYS B 238 -4.84 2.75 -15.41
N VAL B 239 -6.15 3.02 -15.56
CA VAL B 239 -6.85 2.98 -16.85
C VAL B 239 -6.40 4.15 -17.73
N TRP B 240 -6.22 3.86 -19.03
CA TRP B 240 -5.78 4.84 -20.02
C TRP B 240 -5.10 6.06 -19.40
N PRO B 241 -3.91 5.90 -18.79
CA PRO B 241 -3.23 7.00 -18.11
C PRO B 241 -2.39 7.89 -19.03
N TYR B 242 -1.75 8.91 -18.46
CA TYR B 242 -0.83 9.85 -19.16
C TYR B 242 0.51 9.90 -18.40
N LEU B 243 1.59 10.27 -19.10
CA LEU B 243 2.91 10.47 -18.50
C LEU B 243 3.47 11.80 -19.00
N GLU B 244 3.89 12.64 -18.05
CA GLU B 244 4.62 13.88 -18.33
C GLU B 244 6.09 13.55 -18.56
N VAL B 245 6.55 13.78 -19.80
CA VAL B 245 7.91 13.47 -20.23
C VAL B 245 8.68 14.73 -20.59
N GLU B 246 10.01 14.65 -20.52
CA GLU B 246 10.92 15.67 -21.03
C GLU B 246 11.14 15.41 -22.52
N PRO B 247 11.43 16.45 -23.34
CA PRO B 247 11.74 16.23 -24.75
C PRO B 247 13.16 15.65 -24.90
N ARG B 248 13.26 14.32 -24.77
CA ARG B 248 14.53 13.55 -24.83
C ARG B 248 14.22 12.06 -25.05
N LYS B 249 15.24 11.21 -25.02
CA LYS B 249 15.09 9.76 -25.16
C LYS B 249 14.71 9.12 -23.83
N TYR B 250 13.67 8.28 -23.87
CA TYR B 250 13.15 7.48 -22.73
C TYR B 250 13.26 5.98 -23.09
N ARG B 251 13.62 5.15 -22.10
CA ARG B 251 13.65 3.67 -22.21
C ARG B 251 12.42 3.11 -21.47
N PHE B 252 11.45 2.59 -22.24
CA PHE B 252 10.27 1.94 -21.70
C PHE B 252 10.41 0.43 -21.86
N ARG B 253 10.15 -0.29 -20.76
CA ARG B 253 10.17 -1.78 -20.72
C ARG B 253 8.73 -2.28 -20.83
N ILE B 254 8.28 -2.54 -22.07
CA ILE B 254 6.88 -2.86 -22.36
C ILE B 254 6.57 -4.32 -22.12
N LEU B 255 5.60 -4.59 -21.25
CA LEU B 255 5.25 -6.00 -20.92
C LEU B 255 3.73 -6.23 -20.98
N ASN B 256 3.29 -7.05 -21.94
CA ASN B 256 1.90 -7.44 -22.11
C ASN B 256 1.56 -8.51 -21.08
N ALA B 257 0.82 -8.12 -20.03
CA ALA B 257 0.44 -9.02 -18.95
C ALA B 257 -1.03 -9.39 -18.99
N SER B 258 -1.66 -9.18 -20.16
CA SER B 258 -3.07 -9.47 -20.37
C SER B 258 -3.31 -10.97 -20.45
N ASN B 259 -4.55 -11.41 -20.14
CA ASN B 259 -4.90 -12.82 -20.17
C ASN B 259 -4.86 -13.48 -21.55
N THR B 260 -5.41 -12.79 -22.56
CA THR B 260 -5.43 -13.33 -23.94
C THR B 260 -5.04 -12.25 -24.95
N ARG B 261 -5.56 -11.03 -24.76
CA ARG B 261 -5.29 -9.88 -25.67
C ARG B 261 -3.84 -9.73 -26.15
N THR B 262 -3.67 -9.59 -27.47
CA THR B 262 -2.40 -9.29 -28.12
C THR B 262 -2.56 -7.92 -28.78
N TYR B 263 -1.60 -7.03 -28.53
CA TYR B 263 -1.64 -5.61 -29.00
C TYR B 263 -0.77 -5.46 -30.25
N GLU B 264 -1.09 -4.46 -31.08
CA GLU B 264 -0.20 -3.96 -32.13
C GLU B 264 0.03 -2.49 -31.84
N LEU B 265 1.09 -2.20 -31.09
CA LEU B 265 1.39 -0.86 -30.60
C LEU B 265 2.10 0.00 -31.65
N HIS B 266 1.70 1.28 -31.70
CA HIS B 266 2.34 2.30 -32.52
C HIS B 266 2.12 3.69 -31.92
N LEU B 267 3.08 4.59 -32.15
CA LEU B 267 2.98 5.98 -31.71
C LEU B 267 2.07 6.75 -32.64
N ASP B 268 1.20 7.58 -32.06
CA ASP B 268 0.21 8.37 -32.78
C ASP B 268 0.85 9.34 -33.78
N ASN B 269 2.07 9.79 -33.46
CA ASN B 269 2.86 10.66 -34.34
C ASN B 269 3.66 9.92 -35.40
N ASP B 270 3.55 8.59 -35.43
CA ASP B 270 4.35 7.71 -36.26
C ASP B 270 5.84 8.06 -36.14
N ALA B 271 6.30 8.18 -34.90
CA ALA B 271 7.72 8.28 -34.58
C ALA B 271 8.16 6.84 -34.50
N THR B 272 9.46 6.62 -34.73
CA THR B 272 10.06 5.26 -34.73
C THR B 272 10.26 4.76 -33.28
N ILE B 273 9.72 3.58 -32.99
CA ILE B 273 9.83 2.92 -31.70
C ILE B 273 11.03 2.00 -31.83
N LEU B 274 12.14 2.42 -31.22
CA LEU B 274 13.43 1.69 -31.32
C LEU B 274 13.53 0.60 -30.26
N GLN B 275 13.38 -0.66 -30.68
CA GLN B 275 13.51 -1.79 -29.75
C GLN B 275 14.97 -2.21 -29.65
N ILE B 276 15.48 -2.29 -28.42
CA ILE B 276 16.86 -2.71 -28.14
C ILE B 276 16.96 -4.12 -27.56
N GLY B 277 15.84 -4.68 -27.10
CA GLY B 277 15.82 -5.98 -26.43
C GLY B 277 14.49 -6.71 -26.42
N SER B 278 14.58 -8.04 -26.33
CA SER B 278 13.44 -8.95 -26.26
C SER B 278 13.47 -9.74 -24.94
N ASP B 279 12.49 -10.63 -24.76
CA ASP B 279 12.34 -11.46 -23.55
C ASP B 279 13.66 -11.74 -22.82
N GLY B 280 14.60 -12.37 -23.52
CA GLY B 280 15.84 -12.86 -22.93
C GLY B 280 16.91 -11.82 -22.64
N GLY B 281 16.88 -10.72 -23.39
CA GLY B 281 17.85 -9.66 -23.28
C GLY B 281 17.99 -8.86 -24.55
N PHE B 282 19.09 -8.12 -24.65
CA PHE B 282 19.34 -7.22 -25.77
C PHE B 282 19.42 -7.98 -27.10
N LEU B 283 18.88 -7.35 -28.15
CA LEU B 283 18.86 -7.89 -29.49
C LEU B 283 20.28 -7.89 -30.08
N PRO B 284 20.53 -8.63 -31.18
CA PRO B 284 21.81 -8.54 -31.88
C PRO B 284 22.06 -7.08 -32.34
N ARG B 285 20.98 -6.41 -32.77
CA ARG B 285 20.97 -4.97 -33.13
C ARG B 285 19.62 -4.38 -32.74
N PRO B 286 19.57 -3.07 -32.35
CA PRO B 286 18.30 -2.37 -32.19
C PRO B 286 17.55 -2.29 -33.52
N VAL B 287 16.21 -2.40 -33.46
CA VAL B 287 15.34 -2.44 -34.63
C VAL B 287 14.29 -1.31 -34.58
N HIS B 288 14.23 -0.59 -35.70
CA HIS B 288 13.25 0.52 -35.93
C HIS B 288 11.92 -0.15 -36.23
N HIS B 289 10.92 0.10 -35.39
CA HIS B 289 9.63 -0.58 -35.51
C HIS B 289 8.47 0.13 -36.22
N GLN B 290 8.20 1.38 -35.83
CA GLN B 290 7.08 2.17 -36.33
C GLN B 290 5.78 1.67 -35.68
N SER B 291 5.45 0.40 -35.95
CA SER B 291 4.46 -0.36 -35.21
C SER B 291 5.10 -1.70 -34.84
N PHE B 292 4.48 -2.45 -33.92
CA PHE B 292 4.89 -3.83 -33.62
C PHE B 292 3.86 -4.57 -32.76
N THR B 293 3.81 -5.90 -32.90
CA THR B 293 2.87 -6.76 -32.19
C THR B 293 3.48 -7.31 -30.90
N ILE B 294 2.71 -7.27 -29.81
CA ILE B 294 3.13 -7.72 -28.48
C ILE B 294 2.05 -8.62 -27.86
N ALA B 295 2.43 -9.88 -27.61
CA ALA B 295 1.54 -10.93 -27.14
C ALA B 295 1.77 -11.25 -25.67
N PRO B 296 0.81 -11.94 -24.99
CA PRO B 296 0.92 -12.22 -23.56
C PRO B 296 2.29 -12.78 -23.16
N ALA B 297 2.94 -12.12 -22.18
CA ALA B 297 4.23 -12.53 -21.62
C ALA B 297 5.47 -12.18 -22.46
N GLU B 298 5.25 -11.58 -23.64
CA GLU B 298 6.35 -11.03 -24.43
C GLU B 298 6.76 -9.70 -23.82
N ARG B 299 8.07 -9.42 -23.87
CA ARG B 299 8.62 -8.16 -23.29
C ARG B 299 9.45 -7.45 -24.36
N PHE B 300 9.17 -6.15 -24.58
CA PHE B 300 9.91 -5.36 -25.59
C PHE B 300 10.62 -4.20 -24.89
N ASP B 301 11.93 -4.30 -24.77
CA ASP B 301 12.76 -3.24 -24.19
C ASP B 301 12.97 -2.20 -25.27
N VAL B 302 12.40 -1.01 -25.09
CA VAL B 302 12.24 -0.04 -26.16
C VAL B 302 12.75 1.35 -25.74
N ILE B 303 13.14 2.15 -26.75
CA ILE B 303 13.49 3.56 -26.59
C ILE B 303 12.65 4.40 -27.55
N ILE B 304 12.08 5.49 -27.02
CA ILE B 304 11.29 6.49 -27.80
C ILE B 304 11.84 7.89 -27.50
N ASP B 305 12.18 8.66 -28.55
CA ASP B 305 12.73 10.01 -28.43
C ASP B 305 11.63 11.06 -28.61
N PHE B 306 11.41 11.86 -27.55
CA PHE B 306 10.41 12.93 -27.54
C PHE B 306 11.01 14.30 -27.87
N SER B 307 12.34 14.35 -28.03
CA SER B 307 13.02 15.57 -28.44
C SER B 307 12.45 15.81 -29.85
N ALA B 308 12.16 17.09 -30.14
CA ALA B 308 11.57 17.48 -31.41
C ALA B 308 10.05 17.33 -31.47
N TYR B 309 9.43 16.76 -30.43
CA TYR B 309 7.97 16.88 -30.18
C TYR B 309 7.72 17.66 -28.88
N GLU B 310 8.60 18.64 -28.58
CA GLU B 310 8.48 19.49 -27.39
C GLU B 310 7.09 20.14 -27.31
N ASN B 311 6.54 20.17 -26.09
CA ASN B 311 5.20 20.77 -25.84
C ASN B 311 4.17 20.19 -26.82
N LYS B 312 4.08 18.86 -26.90
CA LYS B 312 3.13 18.19 -27.82
C LYS B 312 2.56 16.94 -27.15
N THR B 313 1.36 16.52 -27.57
CA THR B 313 0.70 15.30 -27.00
C THR B 313 0.85 14.14 -27.98
N ILE B 314 1.46 13.04 -27.54
CA ILE B 314 1.67 11.88 -28.38
C ILE B 314 1.04 10.63 -27.75
N THR B 315 0.01 10.09 -28.41
CA THR B 315 -0.73 8.92 -27.85
C THR B 315 -0.15 7.58 -28.31
N LEU B 316 -0.12 6.61 -27.40
CA LEU B 316 0.32 5.24 -27.66
C LEU B 316 -0.94 4.48 -28.07
N LYS B 317 -1.00 4.10 -29.36
CA LYS B 317 -2.19 3.50 -29.97
C LYS B 317 -2.01 2.02 -30.31
N ASN B 318 -3.14 1.32 -30.48
CA ASN B 318 -3.22 -0.11 -30.77
C ASN B 318 -4.05 -0.35 -32.02
N LYS B 319 -3.59 -1.25 -32.89
CA LYS B 319 -4.28 -1.60 -34.15
C LYS B 319 -4.74 -3.06 -34.16
N ALA B 320 -4.80 -3.68 -32.98
CA ALA B 320 -5.09 -5.10 -32.82
C ALA B 320 -6.42 -5.31 -32.10
N GLY B 321 -7.36 -5.97 -32.77
CA GLY B 321 -8.68 -6.21 -32.19
C GLY B 321 -8.70 -7.44 -31.33
N CYS B 322 -9.82 -7.68 -30.63
CA CYS B 322 -9.94 -8.87 -29.75
C CYS B 322 -11.27 -9.57 -30.04
N GLY B 323 -11.31 -10.42 -31.07
CA GLY B 323 -12.56 -11.10 -31.43
C GLY B 323 -13.56 -10.11 -32.03
N GLN B 324 -13.09 -8.91 -32.39
CA GLN B 324 -13.92 -7.84 -32.95
C GLN B 324 -13.01 -6.70 -33.38
N GLU B 325 -13.51 -5.85 -34.29
CA GLU B 325 -12.80 -4.67 -34.77
C GLU B 325 -12.41 -3.79 -33.58
N VAL B 326 -11.19 -3.24 -33.62
CA VAL B 326 -10.69 -2.34 -32.60
C VAL B 326 -11.53 -1.06 -32.57
N ASN B 327 -12.03 -0.72 -31.39
CA ASN B 327 -12.81 0.48 -31.13
C ASN B 327 -11.88 1.68 -30.91
N PRO B 328 -12.05 2.77 -31.69
CA PRO B 328 -11.17 3.95 -31.58
C PRO B 328 -11.32 4.68 -30.24
N GLU B 329 -12.52 4.66 -29.67
CA GLU B 329 -12.85 5.30 -28.41
C GLU B 329 -12.28 4.60 -27.17
N THR B 330 -11.89 3.33 -27.30
CA THR B 330 -11.46 2.52 -26.16
C THR B 330 -10.14 1.77 -26.41
N ASP B 331 -10.24 0.51 -26.85
CA ASP B 331 -9.08 -0.39 -26.91
C ASP B 331 -8.09 -0.06 -28.04
N ALA B 332 -8.40 0.98 -28.83
CA ALA B 332 -7.44 1.58 -29.76
C ALA B 332 -6.39 2.43 -29.03
N ASN B 333 -6.60 2.69 -27.73
CA ASN B 333 -5.71 3.53 -26.93
C ASN B 333 -5.06 2.74 -25.80
N ILE B 334 -3.78 3.05 -25.51
CA ILE B 334 -3.05 2.50 -24.37
C ILE B 334 -2.83 3.58 -23.31
N MET B 335 -2.13 4.65 -23.70
CA MET B 335 -1.76 5.74 -22.79
C MET B 335 -1.40 6.99 -23.58
N GLN B 336 -1.03 8.07 -22.89
CA GLN B 336 -0.68 9.34 -23.54
C GLN B 336 0.54 10.03 -22.94
N PHE B 337 1.55 10.28 -23.78
CA PHE B 337 2.75 11.02 -23.40
C PHE B 337 2.53 12.51 -23.67
N LYS B 338 2.78 13.34 -22.66
CA LYS B 338 2.75 14.79 -22.79
C LYS B 338 4.15 15.35 -22.56
N VAL B 339 4.72 15.96 -23.61
CA VAL B 339 6.08 16.54 -23.56
C VAL B 339 5.98 17.95 -22.95
N THR B 340 5.78 18.01 -21.62
CA THR B 340 5.65 19.28 -20.91
C THR B 340 6.79 19.56 -19.94
N ARG B 341 7.26 18.50 -19.25
CA ARG B 341 8.35 18.57 -18.24
C ARG B 341 9.60 19.13 -18.90
N PRO B 342 10.36 20.03 -18.23
CA PRO B 342 11.55 20.65 -18.83
C PRO B 342 12.80 19.77 -18.69
N LEU B 343 13.79 19.99 -19.56
CA LEU B 343 15.06 19.23 -19.54
C LEU B 343 15.81 19.52 -18.23
N LYS B 344 15.96 18.49 -17.39
CA LYS B 344 16.67 18.62 -16.10
C LYS B 344 18.11 19.06 -16.39
N GLY B 345 18.72 18.47 -17.42
CA GLY B 345 20.07 18.81 -17.81
C GLY B 345 20.26 18.80 -19.31
N ARG B 346 21.46 19.18 -19.75
CA ARG B 346 21.91 19.09 -21.18
C ARG B 346 21.66 17.66 -21.67
N ALA B 347 20.95 17.45 -22.78
CA ALA B 347 20.55 16.04 -22.98
C ALA B 347 20.75 15.48 -24.40
N PRO B 348 21.96 15.01 -24.76
CA PRO B 348 22.20 14.28 -26.00
C PRO B 348 22.51 12.83 -25.57
N LYS B 349 22.08 11.84 -26.35
CA LYS B 349 22.38 10.42 -25.99
C LYS B 349 22.42 9.59 -27.28
N THR B 350 23.62 9.25 -27.74
CA THR B 350 23.80 8.46 -28.98
C THR B 350 25.27 8.04 -29.08
N PRO B 353 26.34 3.08 -31.98
CA PRO B 353 25.52 2.16 -31.23
C PRO B 353 25.79 0.72 -31.65
N ILE B 354 26.79 0.07 -31.06
CA ILE B 354 27.12 -1.36 -31.37
C ILE B 354 26.40 -2.22 -30.32
N PHE B 355 26.03 -3.47 -30.63
CA PHE B 355 25.30 -4.17 -29.59
C PHE B 355 25.91 -5.56 -29.32
N LYS B 356 25.14 -6.39 -28.62
CA LYS B 356 25.52 -7.74 -28.21
C LYS B 356 26.01 -8.61 -29.37
N PRO B 357 27.20 -9.25 -29.27
CA PRO B 357 27.65 -10.17 -30.31
C PRO B 357 26.77 -11.42 -30.28
N LEU B 358 26.01 -11.65 -31.36
CA LEU B 358 24.98 -12.67 -31.42
C LEU B 358 25.62 -14.04 -31.61
N PRO B 359 25.52 -14.97 -30.63
CA PRO B 359 26.14 -16.29 -30.75
C PRO B 359 25.77 -17.05 -32.02
N PRO B 360 26.65 -17.96 -32.50
CA PRO B 360 26.47 -18.61 -33.81
C PRO B 360 25.27 -19.57 -33.87
N LEU B 361 24.95 -20.23 -32.76
CA LEU B 361 23.80 -21.18 -32.62
C LEU B 361 23.59 -22.06 -33.86
N ARG B 362 24.48 -23.03 -34.08
CA ARG B 362 24.37 -23.98 -35.23
C ARG B 362 23.37 -25.08 -34.85
N PRO B 363 22.20 -25.18 -35.49
CA PRO B 363 21.19 -26.20 -35.15
C PRO B 363 21.51 -27.59 -35.72
N SER B 364 22.38 -27.66 -36.74
CA SER B 364 22.75 -28.96 -37.36
C SER B 364 23.26 -29.87 -36.25
N ARG B 365 24.13 -29.35 -35.41
CA ARG B 365 24.69 -30.22 -34.33
C ARG B 365 23.75 -30.21 -33.11
N ALA B 366 22.47 -30.53 -33.31
CA ALA B 366 21.51 -30.68 -32.22
C ALA B 366 21.51 -32.12 -31.71
N ASP B 367 20.98 -32.31 -30.50
CA ASP B 367 20.91 -33.62 -29.84
C ASP B 367 19.60 -34.36 -30.15
N GLN B 368 18.52 -33.60 -30.37
CA GLN B 368 17.20 -34.18 -30.65
C GLN B 368 16.24 -33.18 -31.31
N GLU B 369 15.34 -33.74 -32.14
CA GLU B 369 14.27 -32.99 -32.78
C GLU B 369 12.92 -33.50 -32.26
N ARG B 370 12.05 -32.57 -31.85
CA ARG B 370 10.67 -32.85 -31.39
C ARG B 370 9.68 -32.18 -32.34
N THR B 371 8.54 -32.84 -32.60
CA THR B 371 7.47 -32.31 -33.41
C THR B 371 6.20 -32.21 -32.58
N LEU B 372 5.97 -31.03 -32.01
CA LEU B 372 4.85 -30.76 -31.11
C LEU B 372 3.69 -30.14 -31.86
N THR B 373 2.51 -30.74 -31.72
CA THR B 373 1.30 -30.25 -32.46
C THR B 373 0.26 -29.65 -31.50
N LEU B 374 -0.31 -28.51 -31.89
CA LEU B 374 -1.37 -27.81 -31.15
C LEU B 374 -2.71 -28.35 -31.61
N THR B 375 -3.58 -28.69 -30.66
CA THR B 375 -4.89 -29.24 -31.09
C THR B 375 -5.98 -28.89 -30.08
N GLY B 376 -7.24 -28.88 -30.52
CA GLY B 376 -8.38 -28.59 -29.64
C GLY B 376 -9.19 -29.83 -29.32
N THR B 377 -9.74 -29.93 -28.11
CA THR B 377 -10.52 -31.12 -27.69
C THR B 377 -11.86 -30.67 -27.09
N GLN B 378 -12.88 -31.52 -27.16
CA GLN B 378 -14.22 -31.20 -26.61
C GLN B 378 -14.41 -31.95 -25.28
N ASP B 379 -15.44 -31.60 -24.52
CA ASP B 379 -15.71 -32.24 -23.23
C ASP B 379 -17.17 -32.66 -23.14
N LYS B 380 -17.51 -33.35 -22.04
CA LYS B 380 -18.87 -33.72 -21.68
C LYS B 380 -19.90 -32.65 -22.04
N TYR B 381 -19.60 -31.40 -21.70
CA TYR B 381 -20.53 -30.24 -21.76
C TYR B 381 -20.55 -29.62 -23.16
N GLY B 382 -19.51 -29.88 -23.96
CA GLY B 382 -19.44 -29.43 -25.35
C GLY B 382 -18.85 -28.04 -25.51
N ARG B 383 -17.66 -27.85 -24.91
CA ARG B 383 -16.86 -26.59 -24.96
C ARG B 383 -15.39 -26.97 -25.19
N PRO B 384 -14.56 -26.07 -25.77
CA PRO B 384 -13.20 -26.42 -26.17
C PRO B 384 -12.22 -26.69 -25.02
N ILE B 385 -11.41 -27.75 -25.18
CA ILE B 385 -10.29 -28.15 -24.27
C ILE B 385 -9.02 -28.03 -25.11
N LEU B 386 -8.23 -26.96 -24.91
CA LEU B 386 -7.05 -26.68 -25.72
C LEU B 386 -5.90 -27.56 -25.23
N LEU B 387 -5.29 -28.33 -26.15
CA LEU B 387 -4.29 -29.34 -25.82
C LEU B 387 -3.00 -29.28 -26.65
N LEU B 388 -1.90 -29.69 -26.02
CA LEU B 388 -0.59 -29.90 -26.64
C LEU B 388 -0.42 -31.39 -26.91
N ASP B 389 -0.16 -31.74 -28.17
CA ASP B 389 -0.02 -33.14 -28.60
C ASP B 389 -1.23 -33.98 -28.17
N ASN B 390 -2.39 -33.33 -28.05
CA ASN B 390 -3.65 -34.00 -27.61
C ASN B 390 -3.37 -34.73 -26.30
N HIS B 391 -2.60 -34.10 -25.41
CA HIS B 391 -2.22 -34.68 -24.13
C HIS B 391 -2.62 -33.75 -23.00
N PHE B 392 -3.29 -34.31 -21.99
CA PHE B 392 -3.71 -33.56 -20.81
C PHE B 392 -2.50 -33.42 -19.88
N TRP B 393 -2.38 -32.24 -19.27
CA TRP B 393 -1.35 -31.95 -18.27
C TRP B 393 -1.04 -33.15 -17.36
N ASN B 394 -2.10 -33.83 -16.92
CA ASN B 394 -2.04 -34.90 -15.92
C ASN B 394 -1.56 -36.23 -16.52
N ASP B 395 -1.34 -36.25 -17.84
CA ASP B 395 -0.86 -37.47 -18.55
C ASP B 395 0.66 -37.63 -18.37
N PRO B 396 1.25 -38.78 -18.74
CA PRO B 396 2.69 -39.01 -18.57
C PRO B 396 3.56 -38.04 -19.37
N VAL B 397 4.75 -37.72 -18.85
CA VAL B 397 5.69 -36.80 -19.49
C VAL B 397 6.24 -37.33 -20.82
N THR B 398 6.15 -36.49 -21.86
CA THR B 398 6.68 -36.78 -23.20
C THR B 398 7.93 -35.95 -23.50
N GLU B 399 7.97 -34.72 -22.98
CA GLU B 399 9.06 -33.79 -23.21
C GLU B 399 10.09 -33.86 -22.07
N ASN B 400 11.16 -34.61 -22.32
CA ASN B 400 12.16 -34.99 -21.33
C ASN B 400 13.59 -34.72 -21.79
N PRO B 401 13.98 -33.45 -22.04
CA PRO B 401 15.34 -33.14 -22.51
C PRO B 401 16.43 -33.45 -21.48
N ARG B 402 17.62 -33.81 -21.97
CA ARG B 402 18.79 -34.16 -21.12
C ARG B 402 19.55 -32.87 -20.72
N LEU B 403 20.01 -32.83 -19.48
CA LEU B 403 20.79 -31.68 -18.94
C LEU B 403 22.01 -31.48 -19.84
N GLY B 404 22.08 -30.34 -20.52
CA GLY B 404 23.16 -30.09 -21.45
C GLY B 404 22.78 -30.26 -22.90
N SER B 405 21.83 -31.16 -23.19
CA SER B 405 21.35 -31.39 -24.56
C SER B 405 20.75 -30.17 -25.24
N VAL B 406 20.90 -30.12 -26.57
CA VAL B 406 20.35 -29.04 -27.44
C VAL B 406 19.28 -29.68 -28.33
N GLU B 407 18.04 -29.15 -28.28
CA GLU B 407 16.93 -29.69 -29.05
C GLU B 407 16.30 -28.65 -29.95
N VAL B 408 15.79 -29.13 -31.09
CA VAL B 408 15.00 -28.33 -32.02
C VAL B 408 13.56 -28.80 -31.93
N TRP B 409 12.67 -27.86 -31.61
CA TRP B 409 11.25 -28.12 -31.43
C TRP B 409 10.46 -27.50 -32.57
N SER B 410 9.69 -28.35 -33.27
CA SER B 410 8.83 -27.94 -34.40
C SER B 410 7.37 -27.85 -33.95
N ILE B 411 6.90 -26.62 -33.67
CA ILE B 411 5.56 -26.35 -33.22
C ILE B 411 4.65 -26.19 -34.43
N VAL B 412 3.70 -27.13 -34.58
CA VAL B 412 2.76 -27.17 -35.70
C VAL B 412 1.42 -26.60 -35.21
N ASN B 413 0.95 -25.57 -35.91
CA ASN B 413 -0.33 -24.94 -35.59
C ASN B 413 -1.39 -25.18 -36.66
N PRO B 414 -2.13 -26.30 -36.61
CA PRO B 414 -3.28 -26.51 -37.49
C PRO B 414 -4.53 -25.71 -37.07
N THR B 415 -4.57 -25.23 -35.82
CA THR B 415 -5.74 -24.51 -35.29
C THR B 415 -5.91 -23.19 -36.04
N ARG B 416 -7.11 -22.61 -35.95
CA ARG B 416 -7.43 -21.34 -36.66
C ARG B 416 -6.89 -20.13 -35.88
N GLY B 417 -6.54 -20.33 -34.61
CA GLY B 417 -6.03 -19.26 -33.76
C GLY B 417 -4.51 -19.24 -33.66
N THR B 418 -3.95 -18.07 -33.33
CA THR B 418 -2.54 -17.89 -33.01
C THR B 418 -2.34 -18.22 -31.54
N HIS B 419 -1.21 -18.85 -31.20
CA HIS B 419 -0.93 -19.28 -29.83
C HIS B 419 0.48 -18.89 -29.41
N PRO B 420 0.67 -17.89 -28.51
CA PRO B 420 1.97 -17.63 -27.89
C PRO B 420 2.39 -18.75 -26.94
N ILE B 421 3.43 -19.50 -27.30
CA ILE B 421 3.91 -20.62 -26.50
C ILE B 421 5.16 -20.23 -25.73
N HIS B 422 5.19 -20.65 -24.46
CA HIS B 422 6.23 -20.29 -23.51
C HIS B 422 6.86 -21.54 -22.88
N LEU B 423 8.18 -21.49 -22.69
CA LEU B 423 8.96 -22.57 -22.08
C LEU B 423 9.69 -22.07 -20.83
N HIS B 424 9.51 -22.77 -19.71
CA HIS B 424 10.17 -22.43 -18.42
C HIS B 424 11.65 -22.80 -18.50
N LEU B 425 12.49 -22.18 -17.63
CA LEU B 425 13.96 -22.30 -17.54
C LEU B 425 14.71 -21.61 -18.68
N VAL B 426 14.56 -22.14 -19.90
CA VAL B 426 15.42 -21.78 -21.04
C VAL B 426 14.99 -20.52 -21.78
N GLN B 427 15.95 -19.96 -22.54
CA GLN B 427 15.72 -18.93 -23.53
C GLN B 427 16.07 -19.51 -24.88
N PHE B 428 15.04 -19.85 -25.68
CA PHE B 428 15.23 -20.41 -27.01
C PHE B 428 15.46 -19.33 -28.06
N ARG B 429 15.88 -19.78 -29.25
CA ARG B 429 16.09 -18.91 -30.45
C ARG B 429 15.22 -19.45 -31.60
N VAL B 430 14.59 -18.56 -32.37
CA VAL B 430 13.69 -18.95 -33.45
C VAL B 430 14.51 -19.21 -34.72
N ILE B 431 14.35 -20.41 -35.28
CA ILE B 431 15.02 -20.82 -36.51
C ILE B 431 14.27 -20.22 -37.69
N ASP B 432 12.99 -20.61 -37.83
CA ASP B 432 12.13 -20.16 -38.92
C ASP B 432 10.67 -20.50 -38.71
N ARG B 433 9.82 -19.87 -39.51
CA ARG B 433 8.38 -20.21 -39.70
C ARG B 433 8.22 -20.79 -41.11
N ARG B 434 7.16 -21.57 -41.34
CA ARG B 434 6.88 -22.21 -42.65
C ARG B 434 5.38 -22.53 -42.75
N PRO B 435 4.66 -21.93 -43.72
CA PRO B 435 3.22 -22.14 -43.85
C PRO B 435 2.84 -23.47 -44.51
N PHE B 436 1.86 -24.17 -43.93
CA PHE B 436 1.38 -25.45 -44.47
C PHE B 436 -0.10 -25.44 -44.83
N ASP B 437 -0.47 -26.36 -45.72
CA ASP B 437 -1.82 -26.55 -46.35
C ASP B 437 -3.02 -26.04 -45.53
N THR B 438 -3.12 -26.46 -44.26
CA THR B 438 -4.29 -26.18 -43.38
C THR B 438 -5.61 -26.59 -44.05
N GLU B 439 -5.72 -27.79 -44.62
CA GLU B 439 -6.97 -28.25 -45.31
C GLU B 439 -6.91 -29.75 -45.61
N VAL B 440 -5.75 -30.27 -45.98
CA VAL B 440 -5.58 -31.73 -46.25
C VAL B 440 -5.52 -32.42 -44.89
N TYR B 441 -5.02 -31.67 -43.89
CA TYR B 441 -4.91 -32.09 -42.48
C TYR B 441 -6.32 -32.42 -42.00
N GLN B 442 -7.33 -31.99 -42.78
CA GLN B 442 -8.75 -32.26 -42.45
C GLN B 442 -9.04 -33.71 -42.87
N SER B 443 -8.59 -34.08 -44.07
CA SER B 443 -8.74 -35.45 -44.57
C SER B 443 -7.65 -36.37 -43.96
N THR B 444 -6.40 -36.09 -44.34
CA THR B 444 -5.22 -36.96 -44.08
C THR B 444 -4.66 -36.91 -42.67
N GLY B 445 -3.83 -35.91 -42.41
CA GLY B 445 -3.01 -35.76 -41.23
C GLY B 445 -1.52 -35.52 -41.47
N ASP B 446 -1.11 -35.67 -42.74
CA ASP B 446 0.30 -35.44 -43.15
C ASP B 446 0.52 -33.99 -43.58
N ILE B 447 1.59 -33.36 -43.08
CA ILE B 447 1.85 -31.92 -43.37
C ILE B 447 2.56 -31.73 -44.71
N VAL B 448 2.10 -30.74 -45.49
CA VAL B 448 2.68 -30.34 -46.77
C VAL B 448 2.66 -28.81 -46.82
N TYR B 449 3.82 -28.23 -47.18
CA TYR B 449 4.12 -26.78 -47.07
C TYR B 449 3.66 -26.03 -48.33
N THR B 450 2.92 -24.93 -48.14
CA THR B 450 2.48 -24.06 -49.24
C THR B 450 3.64 -23.25 -49.82
N GLY B 451 4.58 -22.83 -48.96
CA GLY B 451 5.68 -21.95 -49.35
C GLY B 451 7.03 -22.31 -48.73
N PRO B 452 8.10 -21.56 -49.08
CA PRO B 452 9.43 -21.81 -48.54
C PRO B 452 9.62 -21.31 -47.11
N ASN B 453 10.77 -21.63 -46.49
CA ASN B 453 11.05 -21.24 -45.08
C ASN B 453 11.27 -19.72 -44.96
N GLU B 454 10.47 -19.08 -44.10
CA GLU B 454 10.58 -17.65 -43.82
C GLU B 454 11.25 -17.46 -42.48
N ALA B 455 12.47 -16.89 -42.52
CA ALA B 455 13.27 -16.60 -41.34
C ALA B 455 12.55 -15.55 -40.50
N PRO B 456 12.75 -15.53 -39.17
CA PRO B 456 12.03 -14.61 -38.31
C PRO B 456 12.50 -13.16 -38.50
N PRO B 457 11.68 -12.16 -38.11
CA PRO B 457 12.10 -10.76 -38.15
C PRO B 457 13.25 -10.49 -37.16
N LEU B 458 13.95 -9.37 -37.35
CA LEU B 458 15.18 -9.07 -36.62
C LEU B 458 15.01 -9.05 -35.10
N HIS B 459 13.82 -8.68 -34.63
CA HIS B 459 13.49 -8.64 -33.20
C HIS B 459 13.21 -10.02 -32.58
N GLU B 460 12.95 -11.02 -33.43
CA GLU B 460 12.74 -12.40 -33.01
C GLU B 460 14.02 -13.26 -33.16
N GLN B 461 15.07 -12.68 -33.75
CA GLN B 461 16.35 -13.37 -33.95
C GLN B 461 17.21 -13.44 -32.68
N GLY B 462 16.78 -12.70 -31.63
CA GLY B 462 17.42 -12.73 -30.32
C GLY B 462 16.90 -13.86 -29.45
N TYR B 463 17.01 -13.68 -28.13
CA TYR B 463 16.62 -14.67 -27.09
C TYR B 463 15.16 -14.47 -26.72
N LYS B 464 14.32 -15.50 -26.90
CA LYS B 464 12.90 -15.46 -26.55
C LYS B 464 12.52 -16.63 -25.64
N ASP B 465 11.51 -16.41 -24.79
CA ASP B 465 10.92 -17.48 -23.96
C ASP B 465 9.44 -17.73 -24.25
N THR B 466 8.82 -16.78 -24.94
CA THR B 466 7.44 -16.87 -25.39
C THR B 466 7.36 -16.36 -26.83
N ILE B 467 6.85 -17.22 -27.72
CA ILE B 467 6.85 -16.96 -29.16
C ILE B 467 5.46 -17.24 -29.76
N GLN B 468 5.01 -16.34 -30.63
CA GLN B 468 3.74 -16.49 -31.35
C GLN B 468 3.84 -17.59 -32.40
N ALA B 469 3.02 -18.64 -32.22
CA ALA B 469 2.83 -19.68 -33.23
C ALA B 469 1.57 -19.33 -34.03
N HIS B 470 1.77 -18.90 -35.27
CA HIS B 470 0.69 -18.46 -36.15
C HIS B 470 -0.09 -19.65 -36.73
N ALA B 471 -1.30 -19.38 -37.21
CA ALA B 471 -2.21 -20.41 -37.73
C ALA B 471 -1.80 -20.87 -39.12
N GLY B 472 -1.96 -22.18 -39.38
CA GLY B 472 -1.58 -22.81 -40.64
C GLY B 472 -0.10 -22.72 -40.91
N GLU B 473 0.70 -22.84 -39.83
CA GLU B 473 2.14 -22.60 -39.87
C GLU B 473 2.87 -23.48 -38.86
N VAL B 474 4.09 -23.89 -39.23
CA VAL B 474 5.00 -24.61 -38.35
C VAL B 474 6.18 -23.69 -38.06
N ILE B 475 6.50 -23.53 -36.77
CA ILE B 475 7.61 -22.69 -36.32
C ILE B 475 8.62 -23.55 -35.57
N ARG B 476 9.88 -23.48 -36.00
CA ARG B 476 11.01 -24.24 -35.41
C ARG B 476 11.75 -23.41 -34.36
N ILE B 477 11.97 -23.97 -33.17
CA ILE B 477 12.71 -23.26 -32.08
C ILE B 477 13.83 -24.17 -31.54
N ILE B 478 15.04 -23.61 -31.38
CA ILE B 478 16.20 -24.33 -30.86
C ILE B 478 16.49 -23.83 -29.44
N ALA B 479 16.75 -24.78 -28.54
CA ALA B 479 17.01 -24.48 -27.13
C ALA B 479 18.06 -25.41 -26.55
N ARG B 480 18.98 -24.81 -25.79
CA ARG B 480 20.00 -25.59 -25.07
C ARG B 480 19.52 -25.65 -23.62
N PHE B 481 19.18 -26.85 -23.15
CA PHE B 481 18.60 -27.05 -21.80
C PHE B 481 19.65 -26.97 -20.70
N VAL B 482 20.09 -25.76 -20.36
CA VAL B 482 21.12 -25.57 -19.30
C VAL B 482 20.79 -24.32 -18.48
N PRO B 483 21.07 -24.30 -17.15
CA PRO B 483 21.31 -25.52 -16.37
C PRO B 483 20.09 -25.84 -15.49
N TYR B 484 20.36 -26.56 -14.38
CA TYR B 484 19.38 -27.00 -13.34
C TYR B 484 18.42 -28.08 -13.86
N SER B 485 18.61 -29.32 -13.41
CA SER B 485 17.76 -30.45 -13.81
C SER B 485 16.53 -30.47 -12.91
N GLY B 486 15.53 -31.26 -13.29
CA GLY B 486 14.30 -31.38 -12.52
C GLY B 486 13.14 -31.18 -13.45
N ARG B 487 11.94 -31.11 -12.85
CA ARG B 487 10.65 -30.98 -13.58
C ARG B 487 10.27 -29.50 -13.69
N TYR B 488 10.00 -29.06 -14.93
CA TYR B 488 9.59 -27.68 -15.28
C TYR B 488 8.30 -27.82 -16.09
N VAL B 489 7.91 -26.76 -16.81
CA VAL B 489 6.68 -26.74 -17.60
C VAL B 489 6.88 -25.99 -18.92
N TRP B 490 6.09 -26.36 -19.93
CA TRP B 490 5.91 -25.55 -21.13
C TRP B 490 4.41 -25.49 -21.45
N HIS B 491 3.95 -24.31 -21.92
CA HIS B 491 2.52 -24.07 -22.11
C HIS B 491 2.26 -22.83 -22.94
N CYS B 492 1.00 -22.70 -23.32
CA CYS B 492 0.60 -21.48 -24.06
C CYS B 492 0.24 -20.42 -23.03
N HIS B 493 0.67 -19.18 -23.24
CA HIS B 493 0.47 -18.12 -22.21
C HIS B 493 -0.90 -17.43 -22.26
N ILE B 494 -1.78 -17.86 -23.17
CA ILE B 494 -3.19 -17.37 -23.14
C ILE B 494 -3.73 -18.07 -21.88
N LEU B 495 -3.91 -17.31 -20.80
CA LEU B 495 -4.39 -17.84 -19.49
C LEU B 495 -5.58 -18.80 -19.68
N GLU B 496 -6.62 -18.35 -20.38
CA GLU B 496 -7.84 -19.20 -20.61
C GLU B 496 -7.44 -20.54 -21.22
N HIS B 497 -6.44 -20.54 -22.12
CA HIS B 497 -5.98 -21.75 -22.80
C HIS B 497 -5.11 -22.59 -21.86
N GLU B 498 -4.18 -21.91 -21.16
CA GLU B 498 -3.23 -22.54 -20.24
C GLU B 498 -3.97 -23.45 -19.26
N ASP B 499 -4.95 -22.87 -18.59
CA ASP B 499 -5.84 -23.68 -17.72
C ASP B 499 -6.78 -24.41 -18.68
N TYR B 500 -7.07 -25.69 -18.43
CA TYR B 500 -7.96 -26.49 -19.31
C TYR B 500 -7.58 -26.34 -20.79
N ASP B 501 -6.42 -26.81 -21.26
CA ASP B 501 -5.27 -27.39 -20.51
C ASP B 501 -4.07 -27.38 -21.47
N MET B 502 -3.75 -26.22 -22.04
CA MET B 502 -2.70 -26.17 -23.06
C MET B 502 -1.38 -25.94 -22.33
N MET B 503 -1.03 -26.93 -21.48
CA MET B 503 0.14 -26.88 -20.61
C MET B 503 0.59 -28.31 -20.31
N ARG B 504 1.90 -28.55 -20.43
CA ARG B 504 2.52 -29.90 -20.25
C ARG B 504 3.80 -29.77 -19.43
N PRO B 505 4.14 -30.79 -18.60
CA PRO B 505 5.40 -30.83 -17.88
C PRO B 505 6.61 -31.02 -18.81
N MET B 506 7.77 -30.51 -18.39
CA MET B 506 9.02 -30.59 -19.14
C MET B 506 10.12 -31.03 -18.17
N ASP B 507 10.56 -32.29 -18.32
CA ASP B 507 11.54 -32.89 -17.37
C ASP B 507 12.98 -32.80 -17.89
N ILE B 508 13.78 -31.92 -17.27
CA ILE B 508 15.21 -31.81 -17.56
C ILE B 508 15.92 -32.89 -16.75
N ILE B 509 16.81 -33.63 -17.44
CA ILE B 509 17.39 -34.94 -17.10
C ILE B 509 16.32 -36.04 -17.04
CU CU C . -10.65 15.62 18.45
CU CU D . -12.22 12.85 20.29
CU CU E . -8.38 12.78 18.93
CU CU F . -8.09 9.93 30.98
CU CU G . 7.57 -18.57 -17.29
CU CU H . 4.77 -16.23 -17.67
CU CU I . 4.70 -20.89 -17.28
CU CU J . -3.09 -20.87 -26.42
#